data_1NKH
#
_entry.id   1NKH
#
_cell.length_a   55.469
_cell.length_b   99.145
_cell.length_c   102.261
_cell.angle_alpha   90.00
_cell.angle_beta   104.14
_cell.angle_gamma   90.00
#
_symmetry.space_group_name_H-M   'P 1 21 1'
#
loop_
_entity.id
_entity.type
_entity.pdbx_description
1 polymer ALPHA-LACTALBUMIN
2 polymer BETA-1,4-GALACTOSYLTRANSFERASE
3 non-polymer 'CALCIUM ION'
4 non-polymer 'SULFATE ION'
5 non-polymer 'TETRAETHYLENE GLYCOL'
6 non-polymer 'MANGANESE (II) ION'
7 non-polymer "URIDINE-5'-DIPHOSPHATE"
8 water water
#
loop_
_entity_poly.entity_id
_entity_poly.type
_entity_poly.pdbx_seq_one_letter_code
_entity_poly.pdbx_strand_id
1 'polypeptide(L)'
;TELTKCKVSHAIKDIDGYQGISLLEWACVLFHTSGYDTQAVVNDNGSTEYGLFQISDRFWCKSSEFPESENICGISCDKL
LDDELDDDIACAKKILAIKGIDYWKAYKPMCSEKLEQWRCEKP
;
A,C
2 'polypeptide(L)'
;ASMTGGQQMGRGSSLTACPEESPLLVGPMLIEFNIPVDLKLVEQQNPKVKLGGRYTPMDCISPHKVAIIIPFRNRQEHLK
YWLYYLHPILQRQQLDYGIYVINQAGESMFNRAKLLNVGFKEALKDYDYNCFVFSDVDLIPMNDHNTYRCFSQPRHISVA
MDKFGFSLPYVQYFGGVSALSKQQFLSINGFPNNYWGWGGEDDDIYNRLAFRGMSVSRPNAVIGKCRMIRHSRDKKNEPN
PQRFDRIAHTKETMLSDGLNSLTYMVLEVQRYPLYTKITVDIGTPS
;
B,D
#
# COMPACT_ATOMS: atom_id res chain seq x y z
N THR A 1 -11.09 -25.12 29.54
CA THR A 1 -10.48 -26.44 29.25
C THR A 1 -11.16 -27.09 28.04
N GLU A 2 -10.42 -27.11 26.92
CA GLU A 2 -10.91 -27.67 25.69
C GLU A 2 -10.91 -29.18 25.73
N LEU A 3 -12.09 -29.77 25.95
CA LEU A 3 -12.21 -31.21 26.00
C LEU A 3 -12.33 -31.80 24.61
N THR A 4 -12.66 -33.08 24.53
CA THR A 4 -12.80 -33.75 23.26
C THR A 4 -14.08 -34.56 23.23
N LYS A 5 -14.47 -34.95 22.03
CA LYS A 5 -15.66 -35.75 21.84
C LYS A 5 -15.77 -36.85 22.88
N CYS A 6 -14.74 -37.69 23.02
CA CYS A 6 -14.79 -38.78 23.97
C CYS A 6 -14.79 -38.38 25.45
N LYS A 7 -13.89 -37.49 25.84
CA LYS A 7 -13.89 -37.06 27.23
C LYS A 7 -15.32 -36.61 27.54
N VAL A 8 -15.85 -35.75 26.67
CA VAL A 8 -17.20 -35.23 26.80
C VAL A 8 -18.22 -36.34 26.94
N SER A 9 -18.13 -37.30 26.02
CA SER A 9 -19.05 -38.43 26.03
C SER A 9 -18.98 -39.18 27.34
N HIS A 10 -17.77 -39.34 27.85
CA HIS A 10 -17.60 -40.04 29.12
C HIS A 10 -18.09 -39.17 30.29
N ALA A 11 -17.70 -37.91 30.33
CA ALA A 11 -18.14 -37.03 31.42
C ALA A 11 -19.66 -36.87 31.51
N ILE A 12 -20.29 -36.75 30.36
CA ILE A 12 -21.73 -36.52 30.22
C ILE A 12 -22.66 -37.72 30.41
N LYS A 13 -22.10 -38.91 30.59
CA LYS A 13 -22.89 -40.14 30.75
C LYS A 13 -24.30 -40.08 31.35
N ASP A 14 -24.43 -39.48 32.53
CA ASP A 14 -25.73 -39.42 33.20
C ASP A 14 -26.86 -38.64 32.54
N ILE A 15 -26.58 -37.88 31.48
CA ILE A 15 -27.67 -37.12 30.84
C ILE A 15 -28.31 -37.89 29.70
N ASP A 16 -27.71 -39.02 29.35
CA ASP A 16 -28.13 -39.87 28.25
C ASP A 16 -29.60 -40.30 28.24
N GLY A 17 -30.27 -40.09 27.12
CA GLY A 17 -31.66 -40.49 27.00
C GLY A 17 -32.64 -39.59 27.68
N TYR A 18 -32.16 -38.76 28.60
CA TYR A 18 -33.05 -37.84 29.29
C TYR A 18 -33.83 -37.02 28.28
N GLN A 19 -35.15 -37.03 28.40
CA GLN A 19 -35.99 -36.28 27.48
C GLN A 19 -35.74 -36.77 26.05
N GLY A 20 -35.26 -38.01 25.93
CA GLY A 20 -35.03 -38.61 24.63
C GLY A 20 -33.81 -38.23 23.78
N ILE A 21 -32.86 -37.51 24.35
CA ILE A 21 -31.68 -37.11 23.60
C ILE A 21 -30.52 -38.05 23.93
N SER A 22 -29.87 -38.58 22.90
CA SER A 22 -28.77 -39.53 23.12
C SER A 22 -27.41 -38.85 23.31
N LEU A 23 -26.38 -39.65 23.53
CA LEU A 23 -25.07 -39.05 23.69
C LEU A 23 -24.60 -38.59 22.32
N LEU A 24 -25.08 -39.23 21.27
CA LEU A 24 -24.71 -38.86 19.92
C LEU A 24 -25.17 -37.44 19.65
N GLU A 25 -26.44 -37.16 19.95
CA GLU A 25 -26.95 -35.82 19.73
C GLU A 25 -26.26 -34.78 20.62
N TRP A 26 -25.94 -35.16 21.85
CA TRP A 26 -25.26 -34.23 22.76
C TRP A 26 -23.85 -33.90 22.29
N ALA A 27 -23.10 -34.89 21.84
CA ALA A 27 -21.74 -34.60 21.35
C ALA A 27 -21.88 -33.64 20.19
N CYS A 28 -22.83 -33.92 19.30
CA CYS A 28 -23.07 -33.05 18.14
C CYS A 28 -23.46 -31.65 18.59
N VAL A 29 -24.41 -31.56 19.51
CA VAL A 29 -24.83 -30.23 19.97
C VAL A 29 -23.73 -29.46 20.71
N LEU A 30 -22.97 -30.16 21.55
CA LEU A 30 -21.94 -29.46 22.30
C LEU A 30 -20.78 -28.98 21.44
N PHE A 31 -20.47 -29.71 20.38
CA PHE A 31 -19.40 -29.28 19.50
C PHE A 31 -19.78 -27.96 18.87
N HIS A 32 -20.97 -27.89 18.30
CA HIS A 32 -21.38 -26.65 17.66
C HIS A 32 -21.69 -25.54 18.64
N THR A 33 -22.06 -25.95 19.86
CA THR A 33 -22.44 -25.02 20.90
C THR A 33 -21.27 -24.33 21.60
N SER A 34 -20.30 -25.14 22.03
CA SER A 34 -19.14 -24.61 22.77
C SER A 34 -17.78 -25.09 22.27
N GLY A 35 -17.76 -25.95 21.27
CA GLY A 35 -16.48 -26.45 20.81
C GLY A 35 -15.92 -27.36 21.89
N TYR A 36 -16.78 -27.76 22.83
CA TYR A 36 -16.40 -28.63 23.94
C TYR A 36 -15.49 -27.87 24.94
N ASP A 37 -15.64 -26.56 25.01
CA ASP A 37 -14.82 -25.77 25.91
C ASP A 37 -15.58 -25.43 27.18
N THR A 38 -15.16 -26.02 28.30
CA THR A 38 -15.80 -25.80 29.60
C THR A 38 -15.70 -24.35 30.10
N GLN A 39 -14.84 -23.56 29.48
CA GLN A 39 -14.72 -22.18 29.94
C GLN A 39 -15.33 -21.22 28.94
N ALA A 40 -16.01 -21.79 27.95
CA ALA A 40 -16.63 -20.98 26.92
C ALA A 40 -17.54 -19.92 27.51
N VAL A 41 -17.33 -18.68 27.11
CA VAL A 41 -18.16 -17.59 27.55
C VAL A 41 -18.53 -16.84 26.29
N VAL A 42 -19.83 -16.78 25.96
CA VAL A 42 -20.27 -16.10 24.74
C VAL A 42 -21.39 -15.09 24.98
N ASN A 43 -21.22 -13.86 24.49
CA ASN A 43 -22.27 -12.88 24.68
C ASN A 43 -23.35 -13.05 23.63
N ASP A 44 -24.56 -12.65 24.01
CA ASP A 44 -25.73 -12.77 23.15
C ASP A 44 -26.75 -11.70 23.49
N ASN A 45 -26.75 -10.60 22.73
CA ASN A 45 -27.70 -9.51 22.97
C ASN A 45 -27.93 -9.16 24.44
N GLY A 46 -26.90 -8.67 25.11
CA GLY A 46 -27.03 -8.28 26.50
C GLY A 46 -27.02 -9.36 27.58
N SER A 47 -26.91 -10.63 27.21
CA SER A 47 -26.85 -11.70 28.19
C SER A 47 -25.56 -12.51 27.95
N THR A 48 -25.27 -13.47 28.80
CA THR A 48 -24.05 -14.24 28.62
C THR A 48 -24.29 -15.74 28.85
N GLU A 49 -23.76 -16.58 27.97
CA GLU A 49 -23.95 -18.03 28.09
C GLU A 49 -22.64 -18.65 28.54
N TYR A 50 -22.74 -19.63 29.44
CA TYR A 50 -21.57 -20.27 30.04
C TYR A 50 -21.27 -21.73 29.86
N GLY A 51 -19.98 -22.01 29.80
CA GLY A 51 -19.49 -23.37 29.72
C GLY A 51 -19.88 -24.27 28.59
N LEU A 52 -19.60 -25.55 28.79
CA LEU A 52 -19.87 -26.57 27.81
C LEU A 52 -21.29 -26.49 27.17
N PHE A 53 -22.30 -26.30 28.01
CA PHE A 53 -23.69 -26.25 27.57
C PHE A 53 -24.16 -24.85 27.16
N GLN A 54 -23.33 -23.85 27.39
CA GLN A 54 -23.66 -22.48 27.06
C GLN A 54 -25.03 -22.13 27.65
N ILE A 55 -25.07 -22.20 28.98
CA ILE A 55 -26.24 -21.89 29.79
C ILE A 55 -26.26 -20.40 30.01
N SER A 56 -27.40 -19.79 29.70
CA SER A 56 -27.58 -18.35 29.79
C SER A 56 -27.82 -17.83 31.19
N ASP A 57 -27.27 -16.64 31.48
CA ASP A 57 -27.42 -16.04 32.80
C ASP A 57 -28.73 -15.26 32.85
N ARG A 58 -29.41 -15.19 31.71
CA ARG A 58 -30.66 -14.47 31.62
C ARG A 58 -31.77 -15.10 32.47
N PHE A 59 -31.78 -16.43 32.59
CA PHE A 59 -32.80 -17.14 33.35
C PHE A 59 -32.29 -18.32 34.18
N TRP A 60 -31.17 -18.90 33.78
CA TRP A 60 -30.73 -20.11 34.44
C TRP A 60 -29.71 -20.11 35.56
N CYS A 61 -28.86 -19.09 35.60
CA CYS A 61 -27.84 -19.04 36.64
C CYS A 61 -27.60 -17.59 37.10
N LYS A 62 -27.09 -17.43 38.31
CA LYS A 62 -26.83 -16.09 38.83
C LYS A 62 -25.42 -15.63 38.46
N SER A 63 -25.30 -14.42 37.93
CA SER A 63 -24.02 -13.88 37.56
C SER A 63 -23.93 -12.48 38.16
N SER A 64 -22.72 -12.06 38.50
CA SER A 64 -22.56 -10.73 39.10
C SER A 64 -23.09 -9.66 38.16
N GLU A 65 -23.10 -9.96 36.87
CA GLU A 65 -23.61 -9.02 35.90
C GLU A 65 -25.03 -8.69 36.33
N PHE A 66 -26.02 -9.47 35.91
CA PHE A 66 -27.37 -9.14 36.35
C PHE A 66 -28.04 -10.15 37.30
N PRO A 67 -27.97 -9.85 38.61
CA PRO A 67 -28.51 -10.61 39.74
C PRO A 67 -30.03 -10.82 39.76
N GLU A 68 -30.75 -10.06 38.96
CA GLU A 68 -32.21 -10.18 38.90
C GLU A 68 -32.63 -11.51 38.25
N SER A 69 -31.70 -12.18 37.58
CA SER A 69 -31.98 -13.44 36.91
C SER A 69 -32.76 -14.40 37.80
N GLU A 70 -33.71 -15.09 37.20
CA GLU A 70 -34.53 -16.05 37.93
C GLU A 70 -33.66 -17.15 38.50
N ASN A 71 -32.40 -17.23 38.05
CA ASN A 71 -31.46 -18.25 38.48
C ASN A 71 -32.18 -19.59 38.68
N ILE A 72 -32.85 -20.06 37.64
CA ILE A 72 -33.62 -21.29 37.73
C ILE A 72 -32.83 -22.50 38.22
N CYS A 73 -31.59 -22.63 37.79
CA CYS A 73 -30.79 -23.76 38.22
C CYS A 73 -30.26 -23.55 39.64
N GLY A 74 -30.40 -22.34 40.15
CA GLY A 74 -29.91 -22.04 41.49
C GLY A 74 -28.41 -22.26 41.67
N ILE A 75 -27.63 -21.76 40.71
CA ILE A 75 -26.19 -21.90 40.78
C ILE A 75 -25.57 -20.63 40.24
N SER A 76 -24.34 -20.38 40.64
CA SER A 76 -23.62 -19.21 40.17
C SER A 76 -23.08 -19.57 38.77
N CYS A 77 -23.37 -18.72 37.79
CA CYS A 77 -22.89 -18.98 36.44
C CYS A 77 -21.40 -19.40 36.39
N ASP A 78 -20.58 -18.81 37.26
CA ASP A 78 -19.14 -19.14 37.31
C ASP A 78 -18.87 -20.62 37.56
N LYS A 79 -19.81 -21.30 38.19
CA LYS A 79 -19.59 -22.72 38.48
C LYS A 79 -19.74 -23.60 37.22
N LEU A 80 -20.06 -22.96 36.11
CA LEU A 80 -20.19 -23.66 34.83
C LEU A 80 -18.93 -23.33 33.99
N LEU A 81 -17.93 -22.75 34.63
CA LEU A 81 -16.67 -22.44 33.95
C LEU A 81 -15.52 -23.28 34.51
N ASP A 82 -15.83 -24.28 35.33
CA ASP A 82 -14.77 -25.12 35.87
C ASP A 82 -14.89 -26.46 35.17
N ASP A 83 -14.10 -27.43 35.57
CA ASP A 83 -14.13 -28.73 34.92
C ASP A 83 -14.99 -29.80 35.54
N GLU A 84 -15.79 -29.44 36.56
CA GLU A 84 -16.72 -30.42 37.16
C GLU A 84 -18.06 -30.14 36.50
N LEU A 85 -18.49 -31.06 35.66
CA LEU A 85 -19.72 -30.89 34.89
C LEU A 85 -21.05 -31.31 35.55
N ASP A 86 -20.97 -31.91 36.74
CA ASP A 86 -22.17 -32.36 37.42
C ASP A 86 -23.25 -31.28 37.55
N ASP A 87 -22.88 -30.08 37.98
CA ASP A 87 -23.90 -29.05 38.08
C ASP A 87 -24.34 -28.51 36.72
N ASP A 88 -23.41 -28.50 35.75
CA ASP A 88 -23.73 -28.04 34.40
C ASP A 88 -24.81 -28.99 33.89
N ILE A 89 -24.56 -30.28 34.04
CA ILE A 89 -25.46 -31.32 33.61
C ILE A 89 -26.79 -31.26 34.33
N ALA A 90 -26.74 -30.96 35.63
CA ALA A 90 -27.96 -30.88 36.42
C ALA A 90 -28.80 -29.75 35.88
N CYS A 91 -28.15 -28.63 35.57
CA CYS A 91 -28.86 -27.46 35.05
C CYS A 91 -29.37 -27.74 33.63
N ALA A 92 -28.56 -28.40 32.82
CA ALA A 92 -28.97 -28.73 31.46
C ALA A 92 -30.26 -29.56 31.56
N LYS A 93 -30.31 -30.42 32.57
CA LYS A 93 -31.49 -31.24 32.78
C LYS A 93 -32.73 -30.40 33.04
N LYS A 94 -32.60 -29.35 33.84
CA LYS A 94 -33.76 -28.50 34.10
C LYS A 94 -34.21 -27.83 32.81
N ILE A 95 -33.25 -27.30 32.05
CA ILE A 95 -33.58 -26.64 30.78
C ILE A 95 -34.39 -27.59 29.88
N LEU A 96 -33.94 -28.84 29.83
CA LEU A 96 -34.59 -29.87 29.03
C LEU A 96 -36.02 -30.13 29.47
N ALA A 97 -36.23 -30.21 30.78
CA ALA A 97 -37.56 -30.47 31.32
C ALA A 97 -38.51 -29.28 31.19
N ILE A 98 -37.97 -28.07 31.21
CA ILE A 98 -38.77 -26.88 31.14
C ILE A 98 -38.93 -26.30 29.74
N LYS A 99 -37.81 -26.02 29.07
CA LYS A 99 -37.87 -25.47 27.72
C LYS A 99 -37.69 -26.52 26.63
N GLY A 100 -36.99 -27.61 26.93
CA GLY A 100 -36.79 -28.63 25.92
C GLY A 100 -35.48 -28.44 25.19
N ILE A 101 -35.18 -29.39 24.29
CA ILE A 101 -33.95 -29.41 23.51
C ILE A 101 -33.71 -28.19 22.64
N ASP A 102 -34.79 -27.52 22.26
CA ASP A 102 -34.60 -26.39 21.38
C ASP A 102 -33.96 -25.17 22.02
N TYR A 103 -33.56 -25.32 23.28
CA TYR A 103 -32.85 -24.24 23.95
C TYR A 103 -31.52 -24.14 23.16
N TRP A 104 -30.96 -25.31 22.86
CA TRP A 104 -29.71 -25.45 22.08
C TRP A 104 -30.07 -25.27 20.61
N LYS A 105 -29.74 -24.11 20.05
CA LYS A 105 -30.09 -23.80 18.67
C LYS A 105 -29.35 -24.59 17.62
N ALA A 106 -28.26 -25.25 18.00
CA ALA A 106 -27.49 -26.03 17.06
C ALA A 106 -28.17 -27.38 16.77
N TYR A 107 -29.04 -27.81 17.68
CA TYR A 107 -29.72 -29.10 17.55
C TYR A 107 -30.45 -29.36 16.23
N LYS A 108 -31.49 -28.58 15.94
CA LYS A 108 -32.24 -28.79 14.71
C LYS A 108 -31.44 -28.72 13.42
N PRO A 109 -30.73 -27.61 13.17
CA PRO A 109 -29.96 -27.54 11.92
C PRO A 109 -28.70 -28.39 11.77
N MET A 110 -28.02 -28.72 12.86
CA MET A 110 -26.77 -29.46 12.72
C MET A 110 -26.81 -30.89 13.20
N CYS A 111 -27.80 -31.18 14.05
CA CYS A 111 -27.86 -32.48 14.64
C CYS A 111 -29.12 -33.30 14.37
N SER A 112 -29.77 -33.05 13.23
CA SER A 112 -30.98 -33.77 12.85
C SER A 112 -30.67 -34.98 12.00
N GLU A 113 -29.41 -35.20 11.70
CA GLU A 113 -29.02 -36.33 10.86
C GLU A 113 -27.53 -36.58 10.99
N LYS A 114 -27.07 -37.67 10.37
CA LYS A 114 -25.68 -38.04 10.39
C LYS A 114 -25.17 -37.93 11.81
N LEU A 115 -25.71 -38.80 12.67
CA LEU A 115 -25.36 -38.84 14.08
C LEU A 115 -24.28 -39.87 14.35
N GLU A 116 -24.23 -40.87 13.49
CA GLU A 116 -23.28 -41.94 13.64
C GLU A 116 -21.85 -41.43 13.89
N GLN A 117 -21.46 -40.41 13.13
CA GLN A 117 -20.14 -39.82 13.21
C GLN A 117 -19.86 -39.26 14.60
N TRP A 118 -20.92 -38.97 15.36
CA TRP A 118 -20.72 -38.38 16.67
C TRP A 118 -20.40 -39.34 17.80
N ARG A 119 -20.46 -40.64 17.54
CA ARG A 119 -20.14 -41.60 18.59
C ARG A 119 -18.67 -41.60 18.98
N CYS A 120 -18.40 -41.79 20.27
CA CYS A 120 -17.02 -41.88 20.69
C CYS A 120 -16.61 -43.32 20.32
N GLU A 121 -15.61 -43.46 19.44
CA GLU A 121 -15.16 -44.77 18.97
C GLU A 121 -14.06 -45.42 19.82
N LYS A 122 -13.86 -44.88 21.01
CA LYS A 122 -12.86 -45.38 21.96
C LYS A 122 -13.60 -45.93 23.17
N PRO A 123 -13.11 -47.03 23.77
CA PRO A 123 -13.85 -47.50 24.94
C PRO A 123 -13.72 -46.44 26.05
N LEU B 15 4.37 -25.41 -24.05
CA LEU B 15 3.55 -25.98 -25.17
C LEU B 15 3.07 -27.37 -24.84
N THR B 16 3.72 -28.00 -23.87
CA THR B 16 3.33 -29.34 -23.44
C THR B 16 2.45 -29.27 -22.18
N ALA B 17 1.22 -29.80 -22.25
CA ALA B 17 0.34 -29.80 -21.09
C ALA B 17 0.96 -30.48 -19.90
N CYS B 18 0.89 -29.84 -18.74
CA CYS B 18 1.48 -30.40 -17.53
C CYS B 18 0.86 -31.76 -17.25
N PRO B 19 1.60 -32.64 -16.57
CA PRO B 19 1.06 -33.97 -16.28
C PRO B 19 -0.05 -33.91 -15.23
N GLU B 20 -1.05 -34.78 -15.36
CA GLU B 20 -2.19 -34.82 -14.42
C GLU B 20 -1.69 -34.81 -12.98
N GLU B 21 -0.50 -35.36 -12.74
CA GLU B 21 0.12 -35.35 -11.41
C GLU B 21 1.51 -34.77 -11.58
N SER B 22 1.95 -33.97 -10.61
CA SER B 22 3.25 -33.34 -10.68
C SER B 22 4.40 -34.18 -10.21
N PRO B 23 5.48 -34.25 -11.01
CA PRO B 23 6.68 -35.03 -10.68
C PRO B 23 7.55 -34.35 -9.62
N LEU B 24 7.20 -33.13 -9.25
CA LEU B 24 7.95 -32.37 -8.24
C LEU B 24 7.45 -32.63 -6.80
N LEU B 25 6.24 -33.17 -6.66
CA LEU B 25 5.68 -33.40 -5.35
C LEU B 25 6.65 -34.08 -4.41
N VAL B 26 6.52 -33.76 -3.13
CA VAL B 26 7.41 -34.28 -2.12
C VAL B 26 6.71 -35.12 -1.08
N GLY B 27 5.39 -35.12 -1.11
CA GLY B 27 4.65 -35.91 -0.15
C GLY B 27 4.55 -35.10 1.13
N PRO B 28 4.59 -35.75 2.30
CA PRO B 28 4.50 -35.08 3.61
C PRO B 28 5.68 -34.18 3.86
N MET B 29 5.42 -33.06 4.53
CA MET B 29 6.45 -32.07 4.85
C MET B 29 6.37 -31.69 6.32
N LEU B 30 7.44 -31.07 6.81
CA LEU B 30 7.46 -30.67 8.21
C LEU B 30 6.94 -29.24 8.32
N ILE B 31 5.96 -29.01 9.17
CA ILE B 31 5.40 -27.67 9.33
C ILE B 31 5.52 -27.23 10.78
N GLU B 32 6.37 -26.25 11.04
CA GLU B 32 6.55 -25.74 12.41
C GLU B 32 6.51 -24.22 12.38
N PHE B 33 6.09 -23.62 13.48
CA PHE B 33 5.97 -22.17 13.48
C PHE B 33 6.84 -21.44 14.49
N ASN B 34 8.14 -21.74 14.49
CA ASN B 34 9.05 -21.09 15.43
C ASN B 34 9.99 -20.11 14.74
N ILE B 35 10.89 -20.64 13.92
CA ILE B 35 11.83 -19.78 13.21
C ILE B 35 11.07 -18.68 12.48
N PRO B 36 11.28 -17.42 12.90
CA PRO B 36 10.62 -16.26 12.29
C PRO B 36 11.01 -16.20 10.83
N VAL B 37 10.06 -15.80 9.98
CA VAL B 37 10.33 -15.74 8.56
C VAL B 37 10.69 -14.33 8.10
N ASP B 38 11.43 -14.28 7.01
CA ASP B 38 11.87 -13.02 6.42
C ASP B 38 11.35 -13.01 4.99
N LEU B 39 10.26 -12.29 4.76
CA LEU B 39 9.64 -12.20 3.44
C LEU B 39 10.67 -11.93 2.35
N LYS B 40 11.69 -11.16 2.71
CA LYS B 40 12.76 -10.84 1.78
C LYS B 40 13.51 -12.15 1.49
N LEU B 41 13.69 -12.96 2.52
CA LEU B 41 14.34 -14.26 2.37
C LEU B 41 13.40 -15.16 1.57
N VAL B 42 12.11 -15.04 1.84
CA VAL B 42 11.10 -15.82 1.13
C VAL B 42 11.06 -15.41 -0.34
N GLU B 43 11.20 -14.12 -0.60
CA GLU B 43 11.20 -13.62 -1.98
C GLU B 43 12.35 -14.24 -2.73
N GLN B 44 13.47 -14.34 -2.04
CA GLN B 44 14.67 -14.88 -2.66
C GLN B 44 14.51 -16.34 -3.03
N GLN B 45 13.96 -17.12 -2.10
CA GLN B 45 13.74 -18.53 -2.33
C GLN B 45 12.70 -18.78 -3.41
N ASN B 46 12.00 -17.73 -3.84
CA ASN B 46 10.95 -17.91 -4.84
C ASN B 46 10.96 -16.93 -6.02
N PRO B 47 12.13 -16.75 -6.66
CA PRO B 47 12.34 -15.87 -7.81
C PRO B 47 11.35 -15.99 -8.97
N LYS B 48 10.70 -17.13 -9.15
CA LYS B 48 9.74 -17.27 -10.26
C LYS B 48 8.42 -16.56 -9.97
N VAL B 49 8.18 -16.28 -8.68
CA VAL B 49 6.97 -15.56 -8.27
C VAL B 49 7.10 -14.09 -8.66
N LYS B 50 6.22 -13.64 -9.54
CA LYS B 50 6.21 -12.27 -10.02
C LYS B 50 5.37 -11.28 -9.19
N LEU B 51 5.54 -10.00 -9.48
CA LEU B 51 4.84 -8.92 -8.79
C LEU B 51 3.35 -9.17 -8.71
N GLY B 52 2.81 -9.11 -7.49
CA GLY B 52 1.39 -9.35 -7.31
C GLY B 52 1.16 -10.76 -6.80
N GLY B 53 2.20 -11.58 -6.79
CA GLY B 53 2.06 -12.93 -6.32
C GLY B 53 1.54 -13.87 -7.39
N ARG B 54 2.00 -13.67 -8.63
CA ARG B 54 1.60 -14.51 -9.76
C ARG B 54 2.74 -15.44 -10.15
N TYR B 55 2.39 -16.69 -10.43
CA TYR B 55 3.35 -17.69 -10.87
C TYR B 55 2.71 -18.54 -11.94
N THR B 56 3.45 -18.76 -13.03
CA THR B 56 2.96 -19.58 -14.12
C THR B 56 4.08 -20.51 -14.49
N PRO B 57 3.75 -21.79 -14.74
CA PRO B 57 4.75 -22.79 -15.10
C PRO B 57 5.39 -22.48 -16.47
N MET B 58 6.72 -22.63 -16.56
CA MET B 58 7.40 -22.41 -17.82
C MET B 58 7.59 -23.75 -18.55
N ASP B 59 7.87 -24.80 -17.77
CA ASP B 59 8.06 -26.15 -18.31
C ASP B 59 6.87 -26.63 -19.11
N CYS B 60 5.68 -26.50 -18.54
CA CYS B 60 4.49 -26.97 -19.20
C CYS B 60 3.31 -26.01 -19.10
N ILE B 61 2.21 -26.36 -19.73
CA ILE B 61 1.01 -25.53 -19.67
C ILE B 61 0.10 -26.17 -18.63
N SER B 62 -0.29 -25.42 -17.60
CA SER B 62 -1.17 -25.94 -16.57
C SER B 62 -2.60 -25.61 -16.98
N PRO B 63 -3.56 -26.50 -16.69
CA PRO B 63 -4.97 -26.25 -17.05
C PRO B 63 -5.69 -25.67 -15.85
N HIS B 64 -4.97 -25.57 -14.73
CA HIS B 64 -5.50 -25.02 -13.48
C HIS B 64 -5.12 -23.53 -13.26
N LYS B 65 -5.98 -22.62 -13.70
CA LYS B 65 -5.74 -21.19 -13.51
C LYS B 65 -6.42 -20.88 -12.20
N VAL B 66 -5.60 -20.83 -11.16
CA VAL B 66 -6.05 -20.69 -9.79
C VAL B 66 -5.77 -19.41 -9.03
N ALA B 67 -6.83 -18.86 -8.46
CA ALA B 67 -6.75 -17.65 -7.65
C ALA B 67 -6.97 -18.13 -6.23
N ILE B 68 -5.98 -17.91 -5.35
CA ILE B 68 -6.09 -18.32 -3.96
C ILE B 68 -6.56 -17.06 -3.26
N ILE B 69 -7.67 -17.15 -2.54
CA ILE B 69 -8.29 -16.01 -1.88
C ILE B 69 -8.23 -16.09 -0.37
N ILE B 70 -7.57 -15.12 0.25
CA ILE B 70 -7.43 -15.15 1.68
C ILE B 70 -8.20 -14.07 2.43
N PRO B 71 -9.16 -14.47 3.29
CA PRO B 71 -9.93 -13.49 4.06
C PRO B 71 -8.92 -12.89 5.05
N PHE B 72 -8.91 -11.56 5.23
CA PHE B 72 -7.86 -10.97 6.08
C PHE B 72 -8.13 -9.68 6.84
N ARG B 73 -7.53 -9.58 8.03
CA ARG B 73 -7.60 -8.40 8.88
C ARG B 73 -6.66 -8.63 10.06
N ASN B 74 -5.62 -7.81 10.19
CA ASN B 74 -4.69 -7.95 11.33
C ASN B 74 -4.14 -9.36 11.52
N ARG B 75 -3.71 -10.02 10.44
CA ARG B 75 -3.14 -11.36 10.56
C ARG B 75 -1.83 -11.45 9.78
N GLN B 76 -1.04 -10.39 9.83
CA GLN B 76 0.23 -10.31 9.10
C GLN B 76 1.28 -11.37 9.46
N GLU B 77 1.38 -11.73 10.73
CA GLU B 77 2.34 -12.74 11.14
C GLU B 77 1.94 -14.07 10.49
N HIS B 78 0.65 -14.40 10.60
CA HIS B 78 0.15 -15.64 9.99
C HIS B 78 0.47 -15.62 8.47
N LEU B 79 0.19 -14.50 7.79
CA LEU B 79 0.44 -14.40 6.36
C LEU B 79 1.90 -14.68 5.94
N LYS B 80 2.85 -14.32 6.80
CA LYS B 80 4.26 -14.56 6.47
C LYS B 80 4.48 -16.07 6.40
N TYR B 81 4.02 -16.79 7.42
CA TYR B 81 4.14 -18.24 7.44
C TYR B 81 3.41 -18.83 6.26
N TRP B 82 2.18 -18.35 6.03
CA TRP B 82 1.40 -18.85 4.92
C TRP B 82 2.18 -18.73 3.61
N LEU B 83 2.75 -17.55 3.38
CA LEU B 83 3.52 -17.33 2.15
C LEU B 83 4.77 -18.21 2.09
N TYR B 84 5.45 -18.36 3.22
CA TYR B 84 6.66 -19.14 3.30
C TYR B 84 6.47 -20.62 2.93
N TYR B 85 5.34 -21.20 3.34
CA TYR B 85 5.10 -22.60 3.05
C TYR B 85 4.39 -22.84 1.72
N LEU B 86 3.37 -22.03 1.43
CA LEU B 86 2.60 -22.24 0.20
C LEU B 86 3.22 -21.85 -1.11
N HIS B 87 4.04 -20.79 -1.17
CA HIS B 87 4.59 -20.47 -2.47
C HIS B 87 5.35 -21.65 -3.07
N PRO B 88 6.21 -22.32 -2.30
CA PRO B 88 6.97 -23.47 -2.82
C PRO B 88 6.06 -24.69 -3.18
N ILE B 89 5.04 -24.91 -2.36
CA ILE B 89 4.10 -25.99 -2.57
C ILE B 89 3.30 -25.77 -3.86
N LEU B 90 2.63 -24.63 -3.96
CA LEU B 90 1.82 -24.33 -5.14
C LEU B 90 2.63 -24.38 -6.42
N GLN B 91 3.92 -24.07 -6.33
CA GLN B 91 4.78 -24.12 -7.51
C GLN B 91 5.00 -25.58 -7.89
N ARG B 92 5.34 -26.40 -6.89
CA ARG B 92 5.55 -27.83 -7.11
C ARG B 92 4.27 -28.44 -7.69
N GLN B 93 3.11 -27.89 -7.33
CA GLN B 93 1.85 -28.42 -7.83
C GLN B 93 1.54 -27.94 -9.22
N GLN B 94 2.54 -27.29 -9.84
CA GLN B 94 2.41 -26.79 -11.21
C GLN B 94 1.13 -26.04 -11.55
N LEU B 95 0.73 -25.17 -10.64
CA LEU B 95 -0.46 -24.34 -10.83
C LEU B 95 -0.09 -23.01 -11.46
N ASP B 96 -1.04 -22.45 -12.22
CA ASP B 96 -0.87 -21.12 -12.82
C ASP B 96 -1.71 -20.29 -11.82
N TYR B 97 -1.08 -19.82 -10.74
CA TYR B 97 -1.77 -19.12 -9.66
C TYR B 97 -1.46 -17.66 -9.34
N GLY B 98 -2.38 -17.05 -8.60
CA GLY B 98 -2.26 -15.67 -8.15
C GLY B 98 -2.71 -15.64 -6.68
N ILE B 99 -2.02 -14.85 -5.86
CA ILE B 99 -2.36 -14.76 -4.43
C ILE B 99 -3.10 -13.47 -4.14
N TYR B 100 -4.27 -13.59 -3.51
CA TYR B 100 -5.06 -12.40 -3.17
C TYR B 100 -5.44 -12.36 -1.69
N VAL B 101 -5.00 -11.30 -1.01
CA VAL B 101 -5.32 -11.09 0.40
C VAL B 101 -6.35 -9.97 0.41
N ILE B 102 -7.59 -10.31 0.77
CA ILE B 102 -8.70 -9.34 0.84
C ILE B 102 -8.79 -8.85 2.26
N ASN B 103 -8.26 -7.65 2.46
CA ASN B 103 -8.18 -6.98 3.74
C ASN B 103 -9.42 -6.17 4.07
N GLN B 104 -10.07 -6.51 5.17
CA GLN B 104 -11.26 -5.77 5.57
C GLN B 104 -10.87 -4.43 6.23
N ALA B 105 -11.27 -3.33 5.61
CA ALA B 105 -10.98 -2.02 6.18
C ALA B 105 -11.89 -1.78 7.38
N GLY B 106 -11.46 -0.91 8.29
CA GLY B 106 -12.28 -0.57 9.44
C GLY B 106 -12.12 -1.45 10.65
N GLU B 107 -13.01 -1.25 11.63
CA GLU B 107 -12.95 -1.98 12.88
C GLU B 107 -14.29 -2.58 13.35
N SER B 108 -15.24 -2.73 12.45
CA SER B 108 -16.50 -3.34 12.84
C SER B 108 -16.44 -4.87 12.59
N MET B 109 -17.53 -5.58 12.86
CA MET B 109 -17.59 -7.05 12.70
C MET B 109 -16.96 -7.65 11.46
N PHE B 110 -16.19 -8.70 11.67
CA PHE B 110 -15.53 -9.39 10.59
C PHE B 110 -16.54 -10.20 9.75
N ASN B 111 -16.33 -10.22 8.44
CA ASN B 111 -17.23 -10.95 7.56
C ASN B 111 -16.40 -11.78 6.58
N ARG B 112 -16.01 -12.98 7.00
CA ARG B 112 -15.21 -13.89 6.19
C ARG B 112 -15.80 -14.13 4.80
N ALA B 113 -16.98 -14.76 4.72
CA ALA B 113 -17.60 -15.07 3.44
C ALA B 113 -17.69 -13.86 2.50
N LYS B 114 -18.06 -12.71 3.05
CA LYS B 114 -18.16 -11.54 2.19
C LYS B 114 -16.81 -11.13 1.59
N LEU B 115 -15.73 -11.33 2.34
CA LEU B 115 -14.42 -10.98 1.80
C LEU B 115 -14.03 -11.97 0.70
N LEU B 116 -14.52 -13.21 0.81
CA LEU B 116 -14.22 -14.21 -0.21
C LEU B 116 -14.94 -13.86 -1.52
N ASN B 117 -16.19 -13.37 -1.42
CA ASN B 117 -16.90 -12.97 -2.64
C ASN B 117 -16.09 -11.85 -3.30
N VAL B 118 -15.63 -10.91 -2.49
CA VAL B 118 -14.83 -9.82 -3.03
C VAL B 118 -13.59 -10.40 -3.71
N GLY B 119 -12.95 -11.40 -3.10
CA GLY B 119 -11.76 -11.99 -3.68
C GLY B 119 -12.06 -12.51 -5.08
N PHE B 120 -13.19 -13.16 -5.21
CA PHE B 120 -13.62 -13.71 -6.49
C PHE B 120 -13.73 -12.63 -7.57
N LYS B 121 -14.50 -11.57 -7.30
CA LYS B 121 -14.65 -10.50 -8.31
C LYS B 121 -13.37 -9.74 -8.60
N GLU B 122 -12.55 -9.53 -7.59
CA GLU B 122 -11.31 -8.79 -7.81
C GLU B 122 -10.22 -9.60 -8.53
N ALA B 123 -10.17 -10.91 -8.32
CA ALA B 123 -9.15 -11.71 -9.00
C ALA B 123 -9.50 -11.78 -10.46
N LEU B 124 -10.79 -11.82 -10.75
CA LEU B 124 -11.27 -11.89 -12.13
C LEU B 124 -10.85 -10.68 -12.94
N LYS B 125 -10.58 -9.56 -12.27
CA LYS B 125 -10.18 -8.37 -13.00
C LYS B 125 -8.76 -8.51 -13.54
N ASP B 126 -7.95 -9.31 -12.86
CA ASP B 126 -6.55 -9.51 -13.27
C ASP B 126 -6.30 -10.59 -14.31
N TYR B 127 -6.96 -11.73 -14.15
CA TYR B 127 -6.67 -12.86 -15.03
C TYR B 127 -7.91 -13.71 -15.17
N ASP B 128 -8.02 -14.48 -16.24
CA ASP B 128 -9.21 -15.31 -16.40
C ASP B 128 -9.07 -16.67 -15.70
N TYR B 129 -9.03 -16.60 -14.37
CA TYR B 129 -8.93 -17.76 -13.50
C TYR B 129 -10.16 -18.61 -13.73
N ASN B 130 -10.00 -19.94 -13.69
CA ASN B 130 -11.11 -20.87 -13.85
C ASN B 130 -11.36 -21.65 -12.55
N CYS B 131 -10.50 -21.42 -11.55
CA CYS B 131 -10.61 -22.11 -10.26
C CYS B 131 -10.29 -21.18 -9.09
N PHE B 132 -11.06 -21.31 -8.02
CA PHE B 132 -10.89 -20.48 -6.84
C PHE B 132 -10.67 -21.24 -5.57
N VAL B 133 -9.53 -20.97 -4.92
CA VAL B 133 -9.23 -21.61 -3.67
C VAL B 133 -9.38 -20.56 -2.55
N PHE B 134 -10.33 -20.78 -1.64
CA PHE B 134 -10.56 -19.85 -0.54
C PHE B 134 -9.82 -20.41 0.66
N SER B 135 -8.76 -19.75 1.08
CA SER B 135 -7.97 -20.27 2.19
C SER B 135 -7.80 -19.33 3.36
N ASP B 136 -8.01 -19.87 4.56
CA ASP B 136 -7.82 -19.07 5.77
C ASP B 136 -6.30 -18.80 5.80
N VAL B 137 -5.90 -17.69 6.42
CA VAL B 137 -4.49 -17.27 6.51
C VAL B 137 -3.62 -18.14 7.37
N ASP B 138 -4.23 -18.91 8.26
CA ASP B 138 -3.46 -19.70 9.18
C ASP B 138 -3.42 -21.20 8.98
N LEU B 139 -3.77 -21.69 7.79
CA LEU B 139 -3.78 -23.13 7.53
C LEU B 139 -2.74 -23.51 6.50
N ILE B 140 -1.87 -24.43 6.89
CA ILE B 140 -0.81 -24.90 6.02
C ILE B 140 -0.98 -26.40 5.80
N PRO B 141 -1.00 -26.86 4.55
CA PRO B 141 -1.14 -28.29 4.25
C PRO B 141 0.15 -29.03 4.62
N MET B 142 0.03 -30.26 5.11
CA MET B 142 1.21 -31.02 5.51
C MET B 142 1.67 -32.03 4.48
N ASN B 143 0.98 -32.08 3.33
CA ASN B 143 1.34 -33.02 2.26
C ASN B 143 1.05 -32.33 0.96
N ASP B 144 2.08 -32.18 0.12
CA ASP B 144 1.84 -31.48 -1.14
C ASP B 144 1.03 -32.26 -2.15
N HIS B 145 0.55 -33.43 -1.75
CA HIS B 145 -0.31 -34.22 -2.61
C HIS B 145 -1.73 -33.66 -2.52
N ASN B 146 -1.96 -32.82 -1.52
CA ASN B 146 -3.25 -32.16 -1.34
C ASN B 146 -3.31 -30.97 -2.34
N THR B 147 -3.55 -31.23 -3.61
CA THR B 147 -3.55 -30.19 -4.62
C THR B 147 -4.55 -29.04 -4.45
N TYR B 148 -4.05 -27.82 -4.60
CA TYR B 148 -4.86 -26.60 -4.48
C TYR B 148 -5.44 -26.29 -5.84
N ARG B 149 -6.46 -27.06 -6.22
CA ARG B 149 -7.10 -26.86 -7.50
C ARG B 149 -8.55 -27.33 -7.42
N CYS B 150 -9.27 -27.26 -8.52
CA CYS B 150 -10.66 -27.67 -8.53
C CYS B 150 -10.93 -29.11 -9.04
N PHE B 151 -12.03 -29.70 -8.60
CA PHE B 151 -12.35 -31.08 -9.00
C PHE B 151 -13.78 -31.21 -9.55
N SER B 152 -14.18 -32.44 -9.90
CA SER B 152 -15.50 -32.67 -10.46
C SER B 152 -16.61 -32.21 -9.53
N GLN B 153 -16.30 -32.16 -8.24
CA GLN B 153 -17.22 -31.67 -7.22
C GLN B 153 -16.47 -30.63 -6.36
N PRO B 154 -17.19 -29.71 -5.68
CA PRO B 154 -16.50 -28.72 -4.84
C PRO B 154 -15.51 -29.44 -3.94
N ARG B 155 -14.35 -28.85 -3.72
CA ARG B 155 -13.30 -29.49 -2.95
C ARG B 155 -13.05 -28.92 -1.55
N HIS B 156 -13.17 -29.76 -0.54
CA HIS B 156 -12.87 -29.30 0.81
C HIS B 156 -11.40 -29.74 0.99
N ILE B 157 -10.51 -28.79 1.23
CA ILE B 157 -9.09 -29.09 1.30
C ILE B 157 -8.47 -29.36 2.68
N SER B 158 -8.87 -28.57 3.68
CA SER B 158 -8.32 -28.69 5.05
C SER B 158 -9.11 -29.73 5.84
N VAL B 159 -8.92 -30.99 5.46
CA VAL B 159 -9.63 -32.12 6.02
C VAL B 159 -9.26 -32.69 7.37
N ALA B 160 -7.96 -32.74 7.67
CA ALA B 160 -7.44 -33.31 8.91
C ALA B 160 -6.47 -32.33 9.59
N MET B 161 -7.05 -31.34 10.27
CA MET B 161 -6.31 -30.30 10.98
C MET B 161 -5.80 -30.80 12.32
N ASP B 162 -4.60 -30.38 12.71
CA ASP B 162 -4.07 -30.82 13.98
C ASP B 162 -4.98 -30.32 15.09
N LYS B 163 -5.61 -29.19 14.82
CA LYS B 163 -6.53 -28.57 15.76
C LYS B 163 -7.63 -29.55 16.12
N PHE B 164 -7.99 -30.41 15.18
CA PHE B 164 -9.05 -31.37 15.45
C PHE B 164 -8.56 -32.81 15.59
N GLY B 165 -7.29 -32.96 15.92
CA GLY B 165 -6.72 -34.29 16.08
C GLY B 165 -6.50 -34.93 14.74
N PHE B 166 -6.17 -34.11 13.75
CA PHE B 166 -5.95 -34.61 12.42
C PHE B 166 -7.19 -35.36 11.95
N SER B 167 -8.34 -34.96 12.47
CA SER B 167 -9.66 -35.55 12.12
C SER B 167 -10.62 -34.47 11.63
N LEU B 168 -11.55 -34.85 10.76
CA LEU B 168 -12.55 -33.92 10.26
C LEU B 168 -13.51 -33.78 11.45
N PRO B 169 -13.78 -32.55 11.92
CA PRO B 169 -14.69 -32.38 13.07
C PRO B 169 -16.09 -32.89 12.78
N TYR B 170 -16.56 -32.72 11.55
CA TYR B 170 -17.89 -33.20 11.16
C TYR B 170 -18.02 -33.22 9.65
N VAL B 171 -18.61 -34.30 9.13
CA VAL B 171 -18.72 -34.48 7.69
C VAL B 171 -19.31 -33.32 6.91
N GLN B 172 -20.12 -32.47 7.53
CA GLN B 172 -20.73 -31.33 6.84
C GLN B 172 -19.82 -30.09 6.94
N TYR B 173 -18.57 -30.28 7.36
CA TYR B 173 -17.67 -29.14 7.53
C TYR B 173 -17.00 -28.69 6.23
N PHE B 174 -17.16 -27.40 5.92
CA PHE B 174 -16.58 -26.82 4.72
C PHE B 174 -15.73 -25.61 5.06
N GLY B 175 -15.32 -25.48 6.31
CA GLY B 175 -14.51 -24.32 6.66
C GLY B 175 -13.01 -24.49 6.40
N GLY B 176 -12.23 -23.42 6.57
CA GLY B 176 -10.78 -23.49 6.37
C GLY B 176 -10.26 -23.24 4.96
N VAL B 177 -10.02 -24.32 4.20
CA VAL B 177 -9.51 -24.21 2.84
C VAL B 177 -10.42 -25.02 1.92
N SER B 178 -11.05 -24.34 0.97
CA SER B 178 -11.98 -24.95 0.03
C SER B 178 -11.60 -24.53 -1.36
N ALA B 179 -12.12 -25.24 -2.37
CA ALA B 179 -11.84 -24.91 -3.77
C ALA B 179 -13.08 -25.14 -4.65
N LEU B 180 -13.46 -24.13 -5.41
CA LEU B 180 -14.61 -24.26 -6.32
C LEU B 180 -14.22 -23.71 -7.67
N SER B 181 -14.72 -24.36 -8.73
CA SER B 181 -14.45 -23.87 -10.06
C SER B 181 -15.32 -22.61 -10.19
N LYS B 182 -15.03 -21.79 -11.19
CA LYS B 182 -15.81 -20.57 -11.44
C LYS B 182 -17.28 -20.94 -11.63
N GLN B 183 -17.52 -21.97 -12.43
CA GLN B 183 -18.87 -22.40 -12.68
C GLN B 183 -19.52 -22.94 -11.40
N GLN B 184 -18.80 -23.72 -10.62
CA GLN B 184 -19.38 -24.25 -9.38
C GLN B 184 -19.70 -23.10 -8.44
N PHE B 185 -18.85 -22.09 -8.41
CA PHE B 185 -19.07 -20.95 -7.54
C PHE B 185 -20.28 -20.16 -8.04
N LEU B 186 -20.29 -19.84 -9.32
CA LEU B 186 -21.40 -19.09 -9.90
C LEU B 186 -22.73 -19.76 -9.67
N SER B 187 -22.75 -21.10 -9.74
CA SER B 187 -23.98 -21.86 -9.56
C SER B 187 -24.70 -21.67 -8.23
N ILE B 188 -23.99 -21.32 -7.17
CA ILE B 188 -24.64 -21.13 -5.89
C ILE B 188 -24.75 -19.66 -5.53
N ASN B 189 -24.65 -18.80 -6.54
CA ASN B 189 -24.73 -17.37 -6.34
C ASN B 189 -23.62 -16.98 -5.37
N GLY B 190 -22.48 -17.67 -5.46
CA GLY B 190 -21.37 -17.35 -4.59
C GLY B 190 -21.69 -17.67 -3.14
N PHE B 191 -21.04 -16.97 -2.22
CA PHE B 191 -21.21 -17.18 -0.80
C PHE B 191 -22.10 -16.10 -0.19
N PRO B 192 -22.65 -16.35 1.02
CA PRO B 192 -23.51 -15.34 1.65
C PRO B 192 -22.76 -14.07 2.07
N ASN B 193 -23.44 -12.92 2.03
CA ASN B 193 -22.83 -11.66 2.47
C ASN B 193 -23.33 -11.24 3.85
N ASN B 194 -24.38 -11.91 4.32
CA ASN B 194 -24.98 -11.59 5.63
C ASN B 194 -24.51 -12.28 6.94
N TYR B 195 -23.39 -13.01 6.88
CA TYR B 195 -22.86 -13.64 8.08
C TYR B 195 -21.74 -12.76 8.64
N TRP B 196 -22.03 -12.09 9.75
CA TRP B 196 -21.07 -11.22 10.40
C TRP B 196 -20.65 -11.92 11.66
N GLY B 197 -19.38 -11.79 12.02
CA GLY B 197 -18.89 -12.45 13.21
C GLY B 197 -18.61 -13.89 12.86
N TRP B 198 -18.11 -14.62 13.85
CA TRP B 198 -17.72 -16.00 13.61
C TRP B 198 -18.81 -17.04 13.55
N GLY B 199 -18.58 -18.02 12.68
CA GLY B 199 -19.46 -19.16 12.53
C GLY B 199 -20.63 -19.19 11.57
N GLY B 200 -20.88 -20.39 11.05
CA GLY B 200 -22.01 -20.62 10.19
C GLY B 200 -21.97 -20.26 8.73
N GLU B 201 -21.06 -19.37 8.32
CA GLU B 201 -21.04 -19.01 6.92
C GLU B 201 -20.63 -20.22 6.09
N ASP B 202 -19.78 -21.08 6.66
CA ASP B 202 -19.31 -22.23 5.94
C ASP B 202 -20.36 -23.33 5.87
N ASP B 203 -21.16 -23.47 6.92
CA ASP B 203 -22.21 -24.47 6.88
C ASP B 203 -23.25 -23.98 5.84
N ASP B 204 -23.45 -22.67 5.78
CA ASP B 204 -24.40 -22.09 4.83
C ASP B 204 -23.92 -22.44 3.42
N ILE B 205 -22.61 -22.27 3.17
CA ILE B 205 -22.04 -22.56 1.86
C ILE B 205 -22.24 -24.03 1.56
N TYR B 206 -21.96 -24.87 2.55
CA TYR B 206 -22.15 -26.30 2.41
C TYR B 206 -23.58 -26.59 1.98
N ASN B 207 -24.56 -25.96 2.62
CA ASN B 207 -25.98 -26.18 2.27
C ASN B 207 -26.20 -25.77 0.81
N ARG B 208 -25.60 -24.64 0.43
CA ARG B 208 -25.73 -24.13 -0.91
C ARG B 208 -25.33 -25.16 -1.94
N LEU B 209 -24.29 -25.94 -1.65
CA LEU B 209 -23.83 -26.94 -2.58
C LEU B 209 -24.90 -28.03 -2.75
N ALA B 210 -25.50 -28.45 -1.64
CA ALA B 210 -26.50 -29.51 -1.69
C ALA B 210 -27.75 -29.08 -2.47
N PHE B 211 -28.21 -27.88 -2.20
CA PHE B 211 -29.39 -27.34 -2.87
C PHE B 211 -29.19 -27.14 -4.37
N ARG B 212 -27.97 -27.35 -4.84
CA ARG B 212 -27.60 -27.23 -6.25
C ARG B 212 -27.07 -28.55 -6.79
N GLY B 213 -27.38 -29.64 -6.11
CA GLY B 213 -26.95 -30.94 -6.58
C GLY B 213 -25.48 -31.26 -6.54
N MET B 214 -24.71 -30.50 -5.79
CA MET B 214 -23.28 -30.77 -5.70
C MET B 214 -22.94 -31.43 -4.38
N SER B 215 -21.92 -32.28 -4.38
CA SER B 215 -21.52 -32.89 -3.12
C SER B 215 -20.08 -32.39 -2.82
N VAL B 216 -19.46 -32.92 -1.77
CA VAL B 216 -18.11 -32.46 -1.41
C VAL B 216 -17.05 -33.52 -1.66
N SER B 217 -15.97 -33.15 -2.35
CA SER B 217 -14.87 -34.06 -2.61
C SER B 217 -13.74 -33.75 -1.62
N ARG B 218 -13.01 -34.76 -1.17
CA ARG B 218 -11.92 -34.54 -0.20
C ARG B 218 -10.74 -35.49 -0.32
N PRO B 219 -9.53 -34.99 -0.04
CA PRO B 219 -8.41 -35.93 -0.12
C PRO B 219 -8.61 -36.82 1.11
N ASN B 220 -7.95 -37.97 1.19
CA ASN B 220 -8.17 -38.78 2.38
C ASN B 220 -7.50 -38.10 3.61
N ALA B 221 -7.81 -38.56 4.82
CA ALA B 221 -7.30 -37.99 6.06
C ALA B 221 -5.79 -38.04 6.23
N VAL B 222 -5.10 -38.77 5.39
CA VAL B 222 -3.65 -38.80 5.50
C VAL B 222 -3.08 -37.72 4.61
N ILE B 223 -3.41 -37.74 3.33
CA ILE B 223 -2.85 -36.72 2.49
C ILE B 223 -3.50 -35.35 2.78
N GLY B 224 -4.59 -35.36 3.56
CA GLY B 224 -5.28 -34.13 3.90
C GLY B 224 -4.87 -33.51 5.24
N LYS B 225 -3.77 -33.96 5.83
CA LYS B 225 -3.29 -33.38 7.10
C LYS B 225 -2.90 -31.91 6.95
N CYS B 226 -3.35 -31.07 7.88
CA CYS B 226 -3.07 -29.64 7.85
C CYS B 226 -2.76 -29.13 9.25
N ARG B 227 -2.09 -27.98 9.32
CA ARG B 227 -1.78 -27.36 10.59
C ARG B 227 -2.40 -25.98 10.60
N MET B 228 -2.99 -25.59 11.71
CA MET B 228 -3.54 -24.26 11.83
C MET B 228 -2.69 -23.59 12.90
N ILE B 229 -2.17 -22.41 12.59
CA ILE B 229 -1.37 -21.67 13.57
C ILE B 229 -2.31 -21.38 14.71
N ARG B 230 -1.92 -21.78 15.91
CA ARG B 230 -2.73 -21.58 17.11
C ARG B 230 -3.00 -20.14 17.46
N HIS B 231 -4.27 -19.81 17.73
CA HIS B 231 -4.61 -18.44 18.06
C HIS B 231 -5.93 -18.34 18.81
N SER B 232 -6.20 -17.19 19.39
CA SER B 232 -7.44 -16.99 20.10
C SER B 232 -8.35 -16.31 19.11
N ARG B 233 -9.65 -16.33 19.40
CA ARG B 233 -10.64 -15.68 18.54
C ARG B 233 -10.33 -14.17 18.53
N ASP B 234 -10.33 -13.59 17.33
CA ASP B 234 -10.04 -12.17 17.15
C ASP B 234 -11.18 -11.28 17.66
N LYS B 235 -10.83 -10.13 18.22
CA LYS B 235 -11.84 -9.19 18.67
C LYS B 235 -12.56 -8.81 17.39
N LYS B 236 -13.86 -8.58 17.47
CA LYS B 236 -14.70 -8.21 16.32
C LYS B 236 -15.14 -9.40 15.46
N ASN B 237 -14.79 -10.61 15.91
CA ASN B 237 -15.20 -11.81 15.20
C ASN B 237 -15.77 -12.83 16.18
N GLU B 238 -16.56 -12.32 17.11
CA GLU B 238 -17.17 -13.15 18.13
C GLU B 238 -18.22 -14.04 17.48
N PRO B 239 -18.60 -15.13 18.13
CA PRO B 239 -19.62 -16.05 17.62
C PRO B 239 -20.86 -15.28 17.22
N ASN B 240 -21.39 -15.58 16.05
CA ASN B 240 -22.58 -14.95 15.52
C ASN B 240 -23.81 -15.64 16.13
N PRO B 241 -24.50 -14.97 17.05
CA PRO B 241 -25.69 -15.52 17.71
C PRO B 241 -26.81 -15.95 16.77
N GLN B 242 -26.83 -15.38 15.56
CA GLN B 242 -27.86 -15.71 14.60
C GLN B 242 -27.50 -16.84 13.64
N ARG B 243 -26.23 -17.25 13.64
CA ARG B 243 -25.81 -18.30 12.70
C ARG B 243 -26.75 -19.50 12.61
N PHE B 244 -27.15 -20.06 13.74
CA PHE B 244 -28.02 -21.23 13.68
C PHE B 244 -29.36 -20.99 13.00
N ASP B 245 -29.90 -19.79 13.09
CA ASP B 245 -31.16 -19.55 12.43
C ASP B 245 -30.96 -19.21 10.96
N ARG B 246 -29.85 -18.54 10.65
CA ARG B 246 -29.59 -18.19 9.26
C ARG B 246 -29.36 -19.46 8.46
N ILE B 247 -28.57 -20.38 9.03
CA ILE B 247 -28.25 -21.67 8.43
C ILE B 247 -29.46 -22.53 8.00
N ALA B 248 -30.61 -22.28 8.63
CA ALA B 248 -31.81 -23.04 8.33
C ALA B 248 -32.63 -22.45 7.19
N HIS B 249 -32.28 -21.25 6.73
CA HIS B 249 -33.02 -20.67 5.62
C HIS B 249 -32.17 -20.49 4.39
N THR B 250 -31.02 -21.16 4.34
CA THR B 250 -30.12 -21.06 3.21
C THR B 250 -30.85 -21.20 1.87
N LYS B 251 -31.64 -22.26 1.74
CA LYS B 251 -32.37 -22.54 0.51
C LYS B 251 -33.01 -21.29 -0.08
N GLU B 252 -33.69 -20.50 0.74
CA GLU B 252 -34.33 -19.30 0.20
C GLU B 252 -33.42 -18.09 0.17
N THR B 253 -32.68 -17.83 1.25
CA THR B 253 -31.80 -16.67 1.24
C THR B 253 -30.66 -16.70 0.20
N MET B 254 -30.28 -17.87 -0.32
CA MET B 254 -29.19 -17.95 -1.29
C MET B 254 -29.56 -17.34 -2.65
N LEU B 255 -30.85 -17.09 -2.85
CA LEU B 255 -31.29 -16.49 -4.10
C LEU B 255 -31.11 -14.97 -4.00
N SER B 256 -31.21 -14.43 -2.78
CA SER B 256 -31.11 -12.99 -2.54
C SER B 256 -29.79 -12.51 -1.92
N ASP B 257 -29.07 -13.40 -1.25
CA ASP B 257 -27.82 -12.99 -0.65
C ASP B 257 -26.64 -13.75 -1.23
N GLY B 258 -25.78 -13.01 -1.92
CA GLY B 258 -24.63 -13.64 -2.54
C GLY B 258 -23.98 -12.75 -3.57
N LEU B 259 -23.52 -13.37 -4.64
CA LEU B 259 -22.85 -12.64 -5.70
C LEU B 259 -23.71 -11.51 -6.25
N ASN B 260 -24.98 -11.81 -6.47
CA ASN B 260 -25.87 -10.82 -7.03
C ASN B 260 -26.18 -9.62 -6.13
N SER B 261 -25.89 -9.73 -4.84
CA SER B 261 -26.18 -8.62 -3.94
C SER B 261 -24.93 -8.04 -3.32
N LEU B 262 -23.78 -8.42 -3.86
CA LEU B 262 -22.52 -7.95 -3.31
C LEU B 262 -22.28 -6.46 -3.63
N THR B 263 -21.86 -5.70 -2.62
CA THR B 263 -21.54 -4.30 -2.81
C THR B 263 -20.37 -4.06 -1.88
N TYR B 264 -19.36 -3.35 -2.35
CA TYR B 264 -18.20 -3.05 -1.53
C TYR B 264 -17.47 -1.96 -2.28
N MET B 265 -16.49 -1.34 -1.62
CA MET B 265 -15.70 -0.28 -2.22
C MET B 265 -14.23 -0.58 -2.00
N VAL B 266 -13.46 -0.48 -3.07
CA VAL B 266 -12.02 -0.72 -3.01
C VAL B 266 -11.28 0.53 -2.51
N LEU B 267 -10.70 0.44 -1.32
CA LEU B 267 -9.97 1.58 -0.75
C LEU B 267 -8.53 1.63 -1.27
N GLU B 268 -8.00 0.46 -1.61
CA GLU B 268 -6.63 0.39 -2.10
C GLU B 268 -6.22 -0.99 -2.61
N VAL B 269 -5.41 -1.02 -3.68
CA VAL B 269 -4.87 -2.27 -4.24
C VAL B 269 -3.35 -2.29 -4.13
N GLN B 270 -2.82 -3.18 -3.32
CA GLN B 270 -1.37 -3.24 -3.16
C GLN B 270 -0.74 -4.45 -3.85
N ARG B 271 0.30 -4.20 -4.65
CA ARG B 271 0.99 -5.28 -5.32
C ARG B 271 2.38 -5.41 -4.69
N TYR B 272 2.65 -6.57 -4.09
CA TYR B 272 3.92 -6.87 -3.48
C TYR B 272 4.49 -8.03 -4.29
N PRO B 273 5.78 -8.30 -4.15
CA PRO B 273 6.34 -9.41 -4.94
C PRO B 273 5.68 -10.77 -4.68
N LEU B 274 5.34 -11.03 -3.42
CA LEU B 274 4.71 -12.28 -3.01
C LEU B 274 3.17 -12.32 -2.98
N TYR B 275 2.50 -11.17 -3.17
CA TYR B 275 1.03 -11.15 -3.15
C TYR B 275 0.42 -9.81 -3.48
N THR B 276 -0.88 -9.89 -3.77
CA THR B 276 -1.71 -8.73 -4.05
C THR B 276 -2.61 -8.63 -2.82
N LYS B 277 -2.74 -7.44 -2.27
CA LYS B 277 -3.57 -7.25 -1.09
C LYS B 277 -4.58 -6.18 -1.41
N ILE B 278 -5.85 -6.48 -1.23
CA ILE B 278 -6.89 -5.51 -1.52
C ILE B 278 -7.70 -5.10 -0.30
N THR B 279 -7.61 -3.83 0.05
CA THR B 279 -8.34 -3.32 1.18
C THR B 279 -9.68 -2.85 0.67
N VAL B 280 -10.75 -3.37 1.27
CA VAL B 280 -12.07 -2.97 0.84
C VAL B 280 -12.94 -2.55 1.99
N ASP B 281 -14.03 -1.86 1.64
CA ASP B 281 -14.98 -1.42 2.63
C ASP B 281 -16.24 -2.20 2.32
N ILE B 282 -16.53 -3.21 3.13
CA ILE B 282 -17.70 -4.04 2.91
C ILE B 282 -18.93 -3.68 3.74
N GLY B 283 -18.93 -2.50 4.34
CA GLY B 283 -20.10 -2.11 5.12
C GLY B 283 -20.26 -2.68 6.53
N THR B 284 -21.44 -2.52 7.09
CA THR B 284 -21.67 -2.98 8.45
C THR B 284 -22.83 -3.93 8.59
N PRO B 285 -22.88 -4.65 9.71
CA PRO B 285 -23.94 -5.61 9.97
C PRO B 285 -25.25 -4.83 10.02
N SER B 286 -26.20 -5.19 9.15
CA SER B 286 -27.49 -4.51 9.11
C SER B 286 -28.61 -5.48 8.74
N THR C 1 18.92 36.19 6.99
CA THR C 1 17.84 36.86 6.21
C THR C 1 17.94 36.50 4.73
N GLU C 2 16.81 36.14 4.13
CA GLU C 2 16.76 35.78 2.71
C GLU C 2 16.62 37.06 1.91
N LEU C 3 17.73 37.69 1.54
CA LEU C 3 17.72 38.94 0.79
C LEU C 3 17.35 38.77 -0.67
N THR C 4 17.25 39.89 -1.38
CA THR C 4 16.93 39.84 -2.81
C THR C 4 18.14 40.24 -3.63
N LYS C 5 18.06 39.95 -4.92
CA LYS C 5 19.14 40.25 -5.84
C LYS C 5 19.52 41.71 -5.67
N CYS C 6 18.52 42.57 -5.66
CA CYS C 6 18.75 43.99 -5.52
C CYS C 6 19.42 44.39 -4.20
N LYS C 7 18.92 43.88 -3.08
CA LYS C 7 19.52 44.20 -1.78
C LYS C 7 20.98 43.73 -1.72
N VAL C 8 21.26 42.57 -2.32
CA VAL C 8 22.60 42.02 -2.36
C VAL C 8 23.48 42.96 -3.18
N SER C 9 23.06 43.24 -4.41
CA SER C 9 23.83 44.13 -5.28
C SER C 9 24.16 45.43 -4.57
N HIS C 10 23.17 45.99 -3.91
CA HIS C 10 23.42 47.22 -3.21
C HIS C 10 24.36 47.01 -2.03
N ALA C 11 24.12 45.95 -1.26
CA ALA C 11 24.95 45.68 -0.10
C ALA C 11 26.42 45.37 -0.39
N ILE C 12 26.71 44.71 -1.51
CA ILE C 12 28.10 44.34 -1.83
C ILE C 12 28.82 45.22 -2.87
N LYS C 13 28.25 46.38 -3.18
CA LYS C 13 28.80 47.30 -4.18
C LYS C 13 30.32 47.45 -4.11
N ASP C 14 30.85 47.59 -2.89
CA ASP C 14 32.27 47.78 -2.69
C ASP C 14 33.17 46.67 -3.24
N ILE C 15 32.60 45.50 -3.55
CA ILE C 15 33.42 44.41 -4.07
C ILE C 15 33.45 44.48 -5.59
N ASP C 16 32.57 45.29 -6.16
CA ASP C 16 32.49 45.42 -7.62
C ASP C 16 33.84 45.62 -8.31
N GLY C 17 34.03 44.92 -9.42
CA GLY C 17 35.25 45.02 -10.19
C GLY C 17 36.47 44.39 -9.55
N TYR C 18 36.44 44.16 -8.24
CA TYR C 18 37.59 43.55 -7.60
C TYR C 18 37.91 42.24 -8.32
N GLN C 19 39.19 42.10 -8.67
CA GLN C 19 39.68 40.93 -9.38
C GLN C 19 38.93 40.69 -10.69
N GLY C 20 38.40 41.75 -11.28
CA GLY C 20 37.68 41.63 -12.54
C GLY C 20 36.24 41.17 -12.46
N ILE C 21 35.76 40.81 -11.29
CA ILE C 21 34.38 40.33 -11.18
C ILE C 21 33.37 41.46 -11.01
N SER C 22 32.42 41.53 -11.92
CA SER C 22 31.39 42.57 -11.87
C SER C 22 30.32 42.22 -10.86
N LEU C 23 29.44 43.18 -10.58
CA LEU C 23 28.35 42.90 -9.65
C LEU C 23 27.39 41.90 -10.25
N LEU C 24 27.18 41.95 -11.57
CA LEU C 24 26.25 41.03 -12.20
C LEU C 24 26.74 39.60 -11.96
N GLU C 25 28.03 39.38 -12.16
CA GLU C 25 28.58 38.05 -11.92
C GLU C 25 28.43 37.69 -10.44
N TRP C 26 28.59 38.64 -9.53
CA TRP C 26 28.45 38.28 -8.12
C TRP C 26 27.03 37.92 -7.75
N ALA C 27 26.05 38.66 -8.26
CA ALA C 27 24.64 38.39 -7.96
C ALA C 27 24.30 36.97 -8.43
N CYS C 28 24.87 36.59 -9.57
CA CYS C 28 24.63 35.26 -10.13
C CYS C 28 25.28 34.20 -9.22
N VAL C 29 26.53 34.43 -8.87
CA VAL C 29 27.25 33.48 -8.05
C VAL C 29 26.58 33.29 -6.70
N LEU C 30 26.21 34.40 -6.07
CA LEU C 30 25.62 34.33 -4.75
C LEU C 30 24.27 33.63 -4.78
N PHE C 31 23.50 33.84 -5.84
CA PHE C 31 22.20 33.17 -5.89
C PHE C 31 22.43 31.68 -5.90
N HIS C 32 23.35 31.21 -6.72
CA HIS C 32 23.60 29.78 -6.78
C HIS C 32 24.37 29.22 -5.57
N THR C 33 25.15 30.05 -4.90
CA THR C 33 25.96 29.60 -3.79
C THR C 33 25.14 29.54 -2.54
N SER C 34 24.34 30.58 -2.26
CA SER C 34 23.54 30.61 -1.04
C SER C 34 22.04 30.97 -1.17
N GLY C 35 21.57 31.28 -2.38
CA GLY C 35 20.19 31.68 -2.54
C GLY C 35 19.93 33.01 -1.82
N TYR C 36 20.99 33.79 -1.66
CA TYR C 36 20.95 35.09 -0.99
C TYR C 36 20.58 34.99 0.49
N ASP C 37 20.83 33.83 1.08
CA ASP C 37 20.52 33.61 2.48
C ASP C 37 21.73 33.98 3.33
N THR C 38 21.66 35.10 4.04
CA THR C 38 22.79 35.48 4.88
C THR C 38 23.04 34.48 5.99
N GLN C 39 22.14 33.53 6.20
CA GLN C 39 22.40 32.57 7.27
C GLN C 39 22.59 31.13 6.78
N ALA C 40 22.84 30.95 5.50
CA ALA C 40 23.04 29.60 4.98
C ALA C 40 24.21 28.94 5.66
N VAL C 41 24.02 27.67 6.02
CA VAL C 41 25.06 26.85 6.64
C VAL C 41 25.00 25.54 5.89
N VAL C 42 26.08 25.20 5.21
CA VAL C 42 26.14 23.99 4.42
C VAL C 42 27.39 23.19 4.76
N ASN C 43 27.23 21.88 4.96
CA ASN C 43 28.38 21.02 5.24
C ASN C 43 28.82 20.45 3.91
N ASP C 44 30.10 20.62 3.59
CA ASP C 44 30.62 20.09 2.34
C ASP C 44 31.03 18.67 2.63
N ASN C 45 32.32 18.47 2.91
CA ASN C 45 32.81 17.14 3.24
C ASN C 45 32.97 17.18 4.74
N GLY C 46 34.15 17.62 5.19
CA GLY C 46 34.39 17.73 6.62
C GLY C 46 34.21 19.15 7.13
N SER C 47 34.11 20.10 6.21
CA SER C 47 33.95 21.50 6.60
C SER C 47 32.54 22.04 6.45
N THR C 48 32.35 23.27 6.94
CA THR C 48 31.08 23.94 6.89
C THR C 48 31.31 25.28 6.21
N GLU C 49 30.41 25.67 5.30
CA GLU C 49 30.53 26.95 4.59
C GLU C 49 29.48 27.89 5.16
N TYR C 50 29.88 29.13 5.37
CA TYR C 50 29.00 30.11 6.00
C TYR C 50 28.51 31.35 5.26
N GLY C 51 27.24 31.67 5.51
CA GLY C 51 26.66 32.87 4.95
C GLY C 51 26.39 33.02 3.47
N LEU C 52 26.11 34.28 3.11
CA LEU C 52 25.81 34.70 1.76
C LEU C 52 26.89 34.26 0.78
N PHE C 53 28.15 34.37 1.19
CA PHE C 53 29.30 33.98 0.36
C PHE C 53 29.76 32.55 0.53
N GLN C 54 29.21 31.86 1.52
CA GLN C 54 29.58 30.48 1.82
C GLN C 54 31.09 30.34 2.02
N ILE C 55 31.61 31.12 2.97
CA ILE C 55 33.02 31.09 3.33
C ILE C 55 33.24 29.89 4.26
N SER C 56 34.22 29.05 3.93
CA SER C 56 34.46 27.81 4.68
C SER C 56 35.32 27.94 5.92
N ASP C 57 35.00 27.11 6.92
CA ASP C 57 35.77 27.12 8.14
C ASP C 57 37.09 26.34 7.99
N ARG C 58 37.32 25.71 6.85
CA ARG C 58 38.55 24.94 6.72
C ARG C 58 39.82 25.81 6.71
N PHE C 59 39.78 26.98 6.09
CA PHE C 59 40.95 27.85 6.05
C PHE C 59 40.61 29.31 6.26
N TRP C 60 39.36 29.68 5.99
CA TRP C 60 38.99 31.08 6.02
C TRP C 60 38.44 31.75 7.25
N CYS C 61 37.56 31.09 7.98
CA CYS C 61 37.01 31.69 9.18
C CYS C 61 37.15 30.65 10.27
N LYS C 62 37.08 31.11 11.52
CA LYS C 62 37.19 30.25 12.69
C LYS C 62 35.81 29.81 13.21
N SER C 63 35.58 28.51 13.29
CA SER C 63 34.32 28.00 13.82
C SER C 63 34.68 27.28 15.11
N SER C 64 33.65 26.86 15.85
CA SER C 64 33.85 26.15 17.10
C SER C 64 34.45 24.75 16.89
N GLU C 65 34.23 24.20 15.71
CA GLU C 65 34.69 22.87 15.36
C GLU C 65 36.15 22.83 14.91
N PHE C 66 36.58 23.85 14.18
CA PHE C 66 37.95 23.90 13.69
C PHE C 66 38.71 25.09 14.29
N PRO C 67 38.81 25.16 15.63
CA PRO C 67 39.51 26.26 16.30
C PRO C 67 40.98 26.39 15.89
N GLU C 68 41.52 25.32 15.31
CA GLU C 68 42.92 25.28 14.89
C GLU C 68 43.23 25.81 13.50
N SER C 69 42.26 25.74 12.60
CA SER C 69 42.46 26.17 11.21
C SER C 69 43.05 27.56 11.01
N GLU C 70 43.57 27.81 9.82
CA GLU C 70 44.21 29.08 9.51
C GLU C 70 43.36 30.30 9.79
N ASN C 71 42.06 30.20 9.57
CA ASN C 71 41.22 31.36 9.77
C ASN C 71 41.95 32.53 9.09
N ILE C 72 42.30 32.36 7.82
CA ILE C 72 43.00 33.41 7.08
C ILE C 72 42.27 34.74 7.13
N CYS C 73 40.94 34.69 7.13
CA CYS C 73 40.21 35.95 7.19
C CYS C 73 40.24 36.63 8.56
N GLY C 74 40.72 35.92 9.59
CA GLY C 74 40.73 36.53 10.92
C GLY C 74 39.34 36.83 11.49
N ILE C 75 38.38 35.92 11.32
CA ILE C 75 37.04 36.17 11.86
C ILE C 75 36.34 34.91 12.29
N SER C 76 35.35 35.08 13.18
CA SER C 76 34.56 33.96 13.63
C SER C 76 33.55 33.69 12.51
N CYS C 77 33.34 32.43 12.15
CA CYS C 77 32.39 32.16 11.11
C CYS C 77 31.00 32.70 11.46
N ASP C 78 30.74 32.93 12.75
CA ASP C 78 29.44 33.45 13.15
C ASP C 78 29.26 34.90 12.69
N LYS C 79 30.37 35.55 12.36
CA LYS C 79 30.30 36.94 11.89
C LYS C 79 29.88 36.93 10.44
N LEU C 80 29.74 35.73 9.88
CA LEU C 80 29.35 35.61 8.48
C LEU C 80 27.93 35.11 8.43
N LEU C 81 27.26 35.12 9.60
CA LEU C 81 25.88 34.66 9.69
C LEU C 81 24.94 35.75 10.14
N ASP C 82 25.39 36.99 9.99
CA ASP C 82 24.57 38.15 10.36
C ASP C 82 24.29 38.96 9.11
N ASP C 83 23.51 40.03 9.24
CA ASP C 83 23.18 40.85 8.09
C ASP C 83 24.13 41.99 7.79
N GLU C 84 25.20 42.11 8.57
CA GLU C 84 26.20 43.15 8.31
C GLU C 84 27.27 42.50 7.40
N LEU C 85 27.20 42.81 6.11
CA LEU C 85 28.08 42.23 5.10
C LEU C 85 29.51 42.72 4.85
N ASP C 86 29.99 43.76 5.55
CA ASP C 86 31.35 44.24 5.29
C ASP C 86 32.44 43.23 5.58
N ASP C 87 32.33 42.48 6.66
CA ASP C 87 33.36 41.50 6.94
C ASP C 87 33.25 40.30 5.99
N ASP C 88 32.05 40.00 5.50
CA ASP C 88 31.88 38.92 4.53
C ASP C 88 32.62 39.36 3.27
N ILE C 89 32.38 40.60 2.85
CA ILE C 89 33.02 41.16 1.66
C ILE C 89 34.56 41.18 1.79
N ALA C 90 35.05 41.64 2.93
CA ALA C 90 36.48 41.72 3.17
C ALA C 90 37.13 40.35 3.14
N CYS C 91 36.42 39.35 3.65
CA CYS C 91 36.92 38.00 3.63
C CYS C 91 36.85 37.49 2.19
N ALA C 92 35.78 37.83 1.49
CA ALA C 92 35.64 37.38 0.12
C ALA C 92 36.79 37.92 -0.73
N LYS C 93 37.19 39.18 -0.48
CA LYS C 93 38.28 39.79 -1.25
C LYS C 93 39.59 39.04 -0.98
N LYS C 94 39.82 38.61 0.25
CA LYS C 94 41.03 37.86 0.54
C LYS C 94 41.01 36.57 -0.24
N ILE C 95 39.89 35.86 -0.21
CA ILE C 95 39.78 34.62 -0.95
C ILE C 95 40.06 34.89 -2.43
N LEU C 96 39.53 36.00 -2.96
CA LEU C 96 39.75 36.35 -4.36
C LEU C 96 41.22 36.59 -4.65
N ALA C 97 41.88 37.33 -3.76
CA ALA C 97 43.27 37.67 -3.97
C ALA C 97 44.20 36.48 -3.79
N ILE C 98 43.81 35.53 -2.96
CA ILE C 98 44.67 34.38 -2.67
C ILE C 98 44.36 33.15 -3.49
N LYS C 99 43.07 32.88 -3.70
CA LYS C 99 42.68 31.72 -4.46
C LYS C 99 41.94 32.07 -5.74
N GLY C 100 41.28 33.23 -5.76
CA GLY C 100 40.56 33.60 -6.97
C GLY C 100 39.08 33.21 -7.01
N ILE C 101 38.41 33.65 -8.06
CA ILE C 101 36.99 33.42 -8.23
C ILE C 101 36.60 31.94 -8.27
N ASP C 102 37.53 31.06 -8.63
CA ASP C 102 37.16 29.65 -8.69
C ASP C 102 36.89 29.03 -7.33
N TYR C 103 37.01 29.81 -6.26
CA TYR C 103 36.68 29.29 -4.94
C TYR C 103 35.16 29.01 -5.04
N TRP C 104 34.46 29.88 -5.76
CA TRP C 104 33.03 29.78 -5.97
C TRP C 104 32.76 28.88 -7.19
N LYS C 105 32.51 27.61 -6.92
CA LYS C 105 32.28 26.64 -7.99
C LYS C 105 31.14 26.93 -8.98
N ALA C 106 30.17 27.74 -8.58
CA ALA C 106 29.03 28.09 -9.43
C ALA C 106 29.38 29.01 -10.58
N TYR C 107 30.45 29.78 -10.40
CA TYR C 107 30.85 30.76 -11.38
C TYR C 107 31.09 30.25 -12.81
N LYS C 108 31.99 29.30 -13.00
CA LYS C 108 32.25 28.81 -14.35
C LYS C 108 30.99 28.29 -15.03
N PRO C 109 30.31 27.30 -14.42
CA PRO C 109 29.09 26.76 -15.03
C PRO C 109 27.84 27.62 -15.14
N MET C 110 27.53 28.41 -14.13
CA MET C 110 26.29 29.19 -14.14
C MET C 110 26.37 30.66 -14.50
N CYS C 111 27.55 31.25 -14.37
CA CYS C 111 27.67 32.67 -14.59
C CYS C 111 28.60 33.09 -15.70
N SER C 112 28.78 32.22 -16.70
CA SER C 112 29.63 32.54 -17.84
C SER C 112 28.90 33.19 -19.01
N GLU C 113 27.56 33.25 -18.94
CA GLU C 113 26.81 33.88 -20.01
C GLU C 113 25.49 34.40 -19.47
N LYS C 114 24.77 35.16 -20.29
CA LYS C 114 23.49 35.73 -19.91
C LYS C 114 23.59 36.39 -18.54
N LEU C 115 24.39 37.44 -18.46
CA LEU C 115 24.62 38.16 -17.22
C LEU C 115 23.65 39.28 -16.98
N GLU C 116 23.09 39.82 -18.05
CA GLU C 116 22.19 40.96 -17.94
C GLU C 116 20.97 40.72 -17.05
N GLN C 117 20.54 39.46 -16.96
CA GLN C 117 19.39 39.10 -16.13
C GLN C 117 19.73 39.35 -14.66
N TRP C 118 21.02 39.37 -14.36
CA TRP C 118 21.44 39.55 -12.98
C TRP C 118 21.52 40.99 -12.50
N ARG C 119 21.41 41.93 -13.43
CA ARG C 119 21.46 43.34 -13.05
C ARG C 119 20.21 43.69 -12.24
N CYS C 120 20.35 44.48 -11.18
CA CYS C 120 19.20 44.90 -10.39
C CYS C 120 18.72 46.12 -11.15
N GLU C 121 19.57 47.14 -11.06
CA GLU C 121 19.42 48.43 -11.72
C GLU C 121 20.90 48.70 -12.00
N LYS C 122 21.22 49.66 -12.86
CA LYS C 122 22.64 49.95 -13.16
C LYS C 122 23.54 49.93 -11.90
N PRO C 123 24.49 48.96 -11.86
CA PRO C 123 25.46 48.74 -10.77
C PRO C 123 26.14 49.97 -10.19
N LEU D 15 -16.44 10.14 -32.34
CA LEU D 15 -16.14 11.21 -31.35
C LEU D 15 -15.18 12.22 -31.92
N THR D 16 -15.57 13.50 -31.92
CA THR D 16 -14.70 14.55 -32.42
C THR D 16 -13.53 14.64 -31.43
N ALA D 17 -12.50 15.41 -31.76
CA ALA D 17 -11.37 15.55 -30.86
C ALA D 17 -11.53 16.81 -30.02
N CYS D 18 -10.98 16.81 -28.83
CA CYS D 18 -11.07 17.97 -27.95
C CYS D 18 -10.55 19.19 -28.66
N PRO D 19 -11.04 20.36 -28.27
CA PRO D 19 -10.60 21.60 -28.90
C PRO D 19 -9.20 21.98 -28.42
N GLU D 20 -8.40 22.53 -29.33
CA GLU D 20 -7.02 22.95 -29.05
C GLU D 20 -6.87 23.51 -27.63
N GLU D 21 -7.85 24.27 -27.20
CA GLU D 21 -7.85 24.90 -25.88
C GLU D 21 -9.17 24.60 -25.19
N SER D 22 -9.10 23.92 -24.05
CA SER D 22 -10.30 23.57 -23.31
C SER D 22 -11.24 24.72 -23.07
N PRO D 23 -12.54 24.47 -23.23
CA PRO D 23 -13.55 25.51 -23.02
C PRO D 23 -13.97 25.63 -21.55
N LEU D 24 -13.39 24.81 -20.70
CA LEU D 24 -13.72 24.77 -19.27
C LEU D 24 -12.89 25.72 -18.38
N LEU D 25 -11.79 26.25 -18.91
CA LEU D 25 -10.88 27.12 -18.17
C LEU D 25 -11.44 28.36 -17.47
N VAL D 26 -10.98 28.55 -16.24
CA VAL D 26 -11.39 29.65 -15.40
C VAL D 26 -10.35 30.78 -15.29
N GLY D 27 -9.08 30.45 -15.51
CA GLY D 27 -8.05 31.47 -15.39
C GLY D 27 -7.45 31.54 -14.01
N PRO D 28 -7.18 32.74 -13.48
CA PRO D 28 -6.59 32.77 -12.14
C PRO D 28 -7.46 32.10 -11.08
N MET D 29 -6.81 31.38 -10.17
CA MET D 29 -7.52 30.69 -9.10
C MET D 29 -6.93 31.02 -7.73
N LEU D 30 -7.77 31.00 -6.70
CA LEU D 30 -7.33 31.27 -5.34
C LEU D 30 -6.73 30.00 -4.74
N ILE D 31 -5.42 30.01 -4.48
CA ILE D 31 -4.73 28.86 -3.92
C ILE D 31 -4.28 29.17 -2.52
N GLU D 32 -4.82 28.43 -1.55
CA GLU D 32 -4.46 28.63 -0.14
C GLU D 32 -4.22 27.26 0.49
N PHE D 33 -3.31 27.21 1.46
CA PHE D 33 -2.93 26.00 2.16
C PHE D 33 -3.29 26.04 3.65
N ASN D 34 -4.52 26.40 3.98
CA ASN D 34 -4.90 26.47 5.39
C ASN D 34 -6.00 25.55 5.81
N ILE D 35 -6.69 24.98 4.84
CA ILE D 35 -7.76 24.06 5.13
C ILE D 35 -7.17 22.65 5.03
N PRO D 36 -7.48 21.77 6.00
CA PRO D 36 -6.89 20.44 5.85
C PRO D 36 -7.66 19.83 4.68
N VAL D 37 -7.12 18.83 4.02
CA VAL D 37 -7.88 18.25 2.95
C VAL D 37 -8.26 16.83 3.33
N ASP D 38 -9.45 16.41 2.89
CA ASP D 38 -9.95 15.08 3.17
C ASP D 38 -10.01 14.40 1.83
N LEU D 39 -9.04 13.53 1.58
CA LEU D 39 -8.98 12.84 0.30
C LEU D 39 -10.30 12.14 -0.05
N LYS D 40 -11.07 11.76 0.97
CA LYS D 40 -12.37 11.11 0.76
C LYS D 40 -13.28 12.16 0.15
N LEU D 41 -13.14 13.39 0.65
CA LEU D 41 -13.91 14.49 0.13
C LEU D 41 -13.38 14.80 -1.28
N VAL D 42 -12.05 14.90 -1.40
CA VAL D 42 -11.43 15.16 -2.69
C VAL D 42 -11.94 14.11 -3.67
N GLU D 43 -11.88 12.87 -3.20
CA GLU D 43 -12.30 11.74 -3.98
C GLU D 43 -13.75 11.93 -4.42
N GLN D 44 -14.55 12.49 -3.51
CA GLN D 44 -15.96 12.74 -3.78
C GLN D 44 -16.15 13.85 -4.82
N GLN D 45 -15.31 14.86 -4.79
CA GLN D 45 -15.43 15.99 -5.71
C GLN D 45 -14.93 15.67 -7.12
N ASN D 46 -14.31 14.51 -7.28
CA ASN D 46 -13.75 14.10 -8.56
C ASN D 46 -14.14 12.65 -8.84
N PRO D 47 -15.46 12.39 -8.88
CA PRO D 47 -15.97 11.06 -9.11
C PRO D 47 -15.56 10.46 -10.47
N LYS D 48 -15.10 11.30 -11.38
CA LYS D 48 -14.70 10.80 -12.70
C LYS D 48 -13.30 10.16 -12.72
N VAL D 49 -12.56 10.30 -11.62
CA VAL D 49 -11.22 9.74 -11.54
C VAL D 49 -11.26 8.30 -11.05
N LYS D 50 -10.71 7.42 -11.87
CA LYS D 50 -10.66 6.00 -11.62
C LYS D 50 -9.45 5.57 -10.80
N LEU D 51 -9.55 4.38 -10.21
CA LEU D 51 -8.52 3.76 -9.39
C LEU D 51 -7.10 3.97 -9.98
N GLY D 52 -6.19 4.40 -9.11
CA GLY D 52 -4.82 4.67 -9.54
C GLY D 52 -4.60 6.08 -10.04
N GLY D 53 -5.64 6.92 -9.94
CA GLY D 53 -5.54 8.31 -10.38
C GLY D 53 -5.58 8.51 -11.89
N ARG D 54 -6.49 7.83 -12.58
CA ARG D 54 -6.61 7.96 -14.03
C ARG D 54 -7.86 8.72 -14.44
N TYR D 55 -7.75 9.47 -15.53
CA TYR D 55 -8.89 10.19 -16.02
C TYR D 55 -8.80 10.37 -17.52
N THR D 56 -9.91 10.15 -18.20
CA THR D 56 -9.97 10.28 -19.64
C THR D 56 -11.23 11.07 -19.91
N PRO D 57 -11.13 12.13 -20.74
CA PRO D 57 -12.30 12.94 -21.05
C PRO D 57 -13.39 12.04 -21.62
N MET D 58 -14.64 12.29 -21.30
CA MET D 58 -15.65 11.43 -21.84
C MET D 58 -16.34 12.09 -23.03
N ASP D 59 -16.23 13.42 -23.12
CA ASP D 59 -16.86 14.14 -24.22
C ASP D 59 -16.06 13.91 -25.48
N CYS D 60 -14.89 14.52 -25.53
CA CYS D 60 -14.03 14.42 -26.69
C CYS D 60 -12.86 13.46 -26.48
N ILE D 61 -11.99 13.41 -27.47
CA ILE D 61 -10.81 12.56 -27.43
C ILE D 61 -9.65 13.49 -27.18
N SER D 62 -8.83 13.21 -26.19
CA SER D 62 -7.72 14.09 -25.96
C SER D 62 -6.47 13.52 -26.60
N PRO D 63 -5.68 14.36 -27.29
CA PRO D 63 -4.44 13.98 -27.96
C PRO D 63 -3.31 13.93 -26.96
N HIS D 64 -3.59 14.42 -25.76
CA HIS D 64 -2.60 14.47 -24.69
C HIS D 64 -2.69 13.30 -23.74
N LYS D 65 -1.81 12.32 -23.92
CA LYS D 65 -1.81 11.16 -23.02
C LYS D 65 -0.66 11.45 -22.05
N VAL D 66 -1.03 12.07 -20.93
CA VAL D 66 -0.08 12.53 -19.91
C VAL D 66 0.08 11.74 -18.64
N ALA D 67 1.32 11.42 -18.33
CA ALA D 67 1.64 10.73 -17.11
C ALA D 67 2.29 11.83 -16.26
N ILE D 68 1.77 12.05 -15.06
CA ILE D 68 2.29 13.06 -14.16
C ILE D 68 3.12 12.37 -13.11
N ILE D 69 4.42 12.59 -13.18
CA ILE D 69 5.40 11.96 -12.28
C ILE D 69 5.94 12.87 -11.16
N ILE D 70 5.63 12.51 -9.93
CA ILE D 70 6.01 13.25 -8.75
C ILE D 70 7.05 12.54 -7.91
N PRO D 71 8.26 13.13 -7.77
CA PRO D 71 9.31 12.51 -6.96
C PRO D 71 8.81 12.64 -5.52
N PHE D 72 8.93 11.59 -4.72
CA PHE D 72 8.34 11.62 -3.39
C PHE D 72 9.07 10.85 -2.29
N ARG D 73 8.94 11.34 -1.07
CA ARG D 73 9.50 10.72 0.13
C ARG D 73 9.18 11.68 1.27
N ASN D 74 8.31 11.26 2.19
CA ASN D 74 7.94 12.10 3.32
C ASN D 74 7.18 13.39 3.06
N ARG D 75 6.33 13.43 2.03
CA ARG D 75 5.60 14.64 1.74
C ARG D 75 4.12 14.40 1.53
N GLN D 76 3.55 13.55 2.38
CA GLN D 76 2.14 13.21 2.30
C GLN D 76 1.24 14.44 2.43
N GLU D 77 1.53 15.32 3.38
CA GLU D 77 0.70 16.53 3.55
C GLU D 77 0.68 17.42 2.30
N HIS D 78 1.81 17.56 1.63
CA HIS D 78 1.86 18.38 0.42
C HIS D 78 1.03 17.67 -0.66
N LEU D 79 1.21 16.36 -0.74
CA LEU D 79 0.51 15.54 -1.74
C LEU D 79 -0.99 15.69 -1.62
N LYS D 80 -1.48 15.75 -0.39
CA LYS D 80 -2.90 15.91 -0.21
C LYS D 80 -3.34 17.22 -0.84
N TYR D 81 -2.52 18.26 -0.67
CA TYR D 81 -2.83 19.57 -1.24
C TYR D 81 -2.68 19.52 -2.75
N TRP D 82 -1.63 18.85 -3.22
CA TRP D 82 -1.40 18.76 -4.64
C TRP D 82 -2.62 18.08 -5.29
N LEU D 83 -3.15 17.02 -4.67
CA LEU D 83 -4.30 16.31 -5.25
C LEU D 83 -5.55 17.16 -5.16
N TYR D 84 -5.77 17.72 -4.00
CA TYR D 84 -6.91 18.62 -3.80
C TYR D 84 -7.05 19.60 -4.97
N TYR D 85 -5.94 20.25 -5.30
CA TYR D 85 -5.89 21.24 -6.36
C TYR D 85 -5.78 20.79 -7.81
N LEU D 86 -4.87 19.88 -8.10
CA LEU D 86 -4.63 19.48 -9.47
C LEU D 86 -5.69 18.68 -10.20
N HIS D 87 -6.30 17.69 -9.55
CA HIS D 87 -7.31 16.87 -10.21
C HIS D 87 -8.38 17.71 -10.90
N PRO D 88 -8.99 18.65 -10.17
CA PRO D 88 -10.01 19.47 -10.85
C PRO D 88 -9.42 20.22 -12.07
N ILE D 89 -8.20 20.76 -11.92
CA ILE D 89 -7.52 21.49 -13.01
C ILE D 89 -7.19 20.62 -14.24
N LEU D 90 -6.59 19.47 -13.99
CA LEU D 90 -6.22 18.54 -15.03
C LEU D 90 -7.44 18.12 -15.84
N GLN D 91 -8.57 17.93 -15.17
CA GLN D 91 -9.79 17.55 -15.86
C GLN D 91 -10.30 18.71 -16.71
N ARG D 92 -10.29 19.92 -16.14
CA ARG D 92 -10.74 21.10 -16.85
C ARG D 92 -9.86 21.26 -18.07
N GLN D 93 -8.63 20.75 -17.99
CA GLN D 93 -7.69 20.85 -19.09
C GLN D 93 -7.86 19.73 -20.11
N GLN D 94 -8.85 18.87 -19.90
CA GLN D 94 -9.16 17.81 -20.85
C GLN D 94 -8.00 16.94 -21.24
N LEU D 95 -7.24 16.50 -20.24
CA LEU D 95 -6.10 15.66 -20.48
C LEU D 95 -6.53 14.24 -20.24
N ASP D 96 -5.77 13.29 -20.77
CA ASP D 96 -6.03 11.87 -20.59
C ASP D 96 -4.81 11.54 -19.79
N TYR D 97 -4.95 11.63 -18.48
CA TYR D 97 -3.83 11.47 -17.56
C TYR D 97 -3.86 10.45 -16.45
N GLY D 98 -2.66 10.18 -15.92
CA GLY D 98 -2.50 9.27 -14.81
C GLY D 98 -1.52 9.92 -13.84
N ILE D 99 -1.78 9.77 -12.54
CA ILE D 99 -0.93 10.34 -11.51
C ILE D 99 -0.02 9.28 -10.90
N TYR D 100 1.29 9.51 -10.91
CA TYR D 100 2.24 8.56 -10.35
C TYR D 100 3.15 9.16 -9.29
N VAL D 101 3.10 8.65 -8.07
CA VAL D 101 3.95 9.15 -7.00
C VAL D 101 5.08 8.13 -6.81
N ILE D 102 6.27 8.49 -7.27
CA ILE D 102 7.44 7.60 -7.16
C ILE D 102 8.01 7.85 -5.79
N ASN D 103 7.79 6.89 -4.89
CA ASN D 103 8.24 6.96 -3.52
C ASN D 103 9.61 6.29 -3.34
N GLN D 104 10.59 7.07 -2.89
CA GLN D 104 11.92 6.52 -2.67
C GLN D 104 11.88 5.78 -1.35
N ALA D 105 12.32 4.52 -1.38
CA ALA D 105 12.33 3.71 -0.18
C ALA D 105 13.65 3.98 0.51
N GLY D 106 13.75 3.60 1.77
CA GLY D 106 14.98 3.81 2.49
C GLY D 106 15.05 5.20 3.10
N GLU D 107 16.19 5.50 3.70
CA GLU D 107 16.36 6.77 4.35
C GLU D 107 17.70 7.39 4.04
N SER D 108 18.25 7.10 2.87
CA SER D 108 19.52 7.69 2.46
C SER D 108 19.25 8.87 1.52
N MET D 109 20.32 9.50 1.03
CA MET D 109 20.21 10.68 0.16
C MET D 109 19.16 10.64 -0.94
N PHE D 110 18.32 11.66 -0.96
CA PHE D 110 17.26 11.75 -1.95
C PHE D 110 17.81 11.92 -3.35
N ASN D 111 17.10 11.40 -4.35
CA ASN D 111 17.56 11.51 -5.73
C ASN D 111 16.39 11.78 -6.63
N ARG D 112 16.05 13.06 -6.74
CA ARG D 112 14.94 13.52 -7.55
C ARG D 112 14.97 13.05 -9.01
N ALA D 113 16.03 13.35 -9.72
CA ALA D 113 16.14 12.96 -11.14
C ALA D 113 15.95 11.46 -11.38
N LYS D 114 16.59 10.64 -10.56
CA LYS D 114 16.47 9.19 -10.71
C LYS D 114 15.00 8.74 -10.51
N LEU D 115 14.34 9.30 -9.51
CA LEU D 115 12.96 8.94 -9.28
C LEU D 115 12.10 9.33 -10.49
N LEU D 116 12.43 10.44 -11.14
CA LEU D 116 11.64 10.87 -12.30
C LEU D 116 11.81 9.87 -13.45
N ASN D 117 13.02 9.36 -13.62
CA ASN D 117 13.30 8.36 -14.65
C ASN D 117 12.38 7.16 -14.45
N VAL D 118 12.35 6.69 -13.21
CA VAL D 118 11.50 5.57 -12.82
C VAL D 118 10.05 5.78 -13.21
N GLY D 119 9.52 6.98 -12.99
CA GLY D 119 8.13 7.22 -13.32
C GLY D 119 7.89 7.03 -14.81
N PHE D 120 8.87 7.43 -15.61
CA PHE D 120 8.79 7.31 -17.06
C PHE D 120 8.56 5.82 -17.37
N LYS D 121 9.47 4.98 -16.89
CA LYS D 121 9.35 3.55 -17.13
C LYS D 121 8.08 2.96 -16.55
N GLU D 122 7.85 3.19 -15.25
CA GLU D 122 6.67 2.65 -14.61
C GLU D 122 5.37 3.07 -15.25
N ALA D 123 5.26 4.34 -15.65
CA ALA D 123 4.03 4.82 -16.26
C ALA D 123 3.76 4.10 -17.58
N LEU D 124 4.83 3.87 -18.34
CA LEU D 124 4.71 3.21 -19.65
C LEU D 124 4.22 1.77 -19.53
N LYS D 125 4.26 1.20 -18.33
CA LYS D 125 3.78 -0.16 -18.15
C LYS D 125 2.26 -0.17 -18.09
N ASP D 126 1.69 0.94 -17.67
CA ASP D 126 0.24 1.07 -17.53
C ASP D 126 -0.49 1.48 -18.79
N TYR D 127 0.08 2.39 -19.54
CA TYR D 127 -0.63 2.94 -20.68
C TYR D 127 0.33 3.52 -21.68
N ASP D 128 -0.17 3.80 -22.89
CA ASP D 128 0.64 4.36 -23.96
C ASP D 128 0.69 5.89 -23.90
N TYR D 129 1.37 6.41 -22.89
CA TYR D 129 1.51 7.85 -22.71
C TYR D 129 2.51 8.43 -23.70
N ASN D 130 2.17 9.55 -24.28
CA ASN D 130 3.05 10.21 -25.23
C ASN D 130 3.55 11.54 -24.66
N CYS D 131 3.29 11.77 -23.37
CA CYS D 131 3.71 13.02 -22.72
C CYS D 131 3.96 12.82 -21.22
N PHE D 132 5.02 13.43 -20.73
CA PHE D 132 5.42 13.30 -19.33
C PHE D 132 5.60 14.64 -18.61
N VAL D 133 4.86 14.81 -17.53
CA VAL D 133 4.93 16.01 -16.74
C VAL D 133 5.61 15.65 -15.42
N PHE D 134 6.78 16.20 -15.19
CA PHE D 134 7.51 15.93 -13.98
C PHE D 134 7.24 17.08 -13.02
N SER D 135 6.64 16.74 -11.89
CA SER D 135 6.26 17.77 -10.95
C SER D 135 6.55 17.53 -9.48
N ASP D 136 7.29 18.45 -8.87
CA ASP D 136 7.56 18.37 -7.44
C ASP D 136 6.15 18.33 -6.77
N VAL D 137 6.04 17.70 -5.59
CA VAL D 137 4.73 17.59 -4.88
C VAL D 137 4.12 18.89 -4.38
N ASP D 138 5.00 19.88 -4.17
CA ASP D 138 4.62 21.12 -3.55
C ASP D 138 4.30 22.29 -4.41
N LEU D 139 4.19 22.08 -5.71
CA LEU D 139 3.89 23.18 -6.61
C LEU D 139 2.48 23.16 -7.18
N ILE D 140 1.74 24.26 -6.98
CA ILE D 140 0.39 24.37 -7.53
C ILE D 140 0.27 25.56 -8.48
N PRO D 141 -0.21 25.31 -9.71
CA PRO D 141 -0.38 26.36 -10.71
C PRO D 141 -1.51 27.30 -10.23
N MET D 142 -1.39 28.60 -10.53
CA MET D 142 -2.40 29.56 -10.08
C MET D 142 -3.27 29.99 -11.22
N ASN D 143 -3.05 29.40 -12.39
CA ASN D 143 -3.86 29.76 -13.55
C ASN D 143 -4.07 28.50 -14.39
N ASP D 144 -5.32 28.10 -14.63
CA ASP D 144 -5.51 26.87 -15.38
C ASP D 144 -5.17 26.91 -16.86
N HIS D 145 -4.79 28.09 -17.36
CA HIS D 145 -4.39 28.19 -18.75
C HIS D 145 -3.00 27.61 -18.91
N ASN D 146 -2.30 27.48 -17.79
CA ASN D 146 -0.95 26.94 -17.77
C ASN D 146 -1.11 25.43 -17.91
N THR D 147 -1.25 24.98 -19.16
CA THR D 147 -1.50 23.58 -19.46
C THR D 147 -0.44 22.56 -19.12
N TYR D 148 -0.82 21.52 -18.40
CA TYR D 148 0.09 20.45 -18.01
C TYR D 148 0.19 19.41 -19.13
N ARG D 149 0.69 19.82 -20.29
CA ARG D 149 0.84 18.92 -21.44
C ARG D 149 2.17 19.22 -22.17
N CYS D 150 2.43 18.49 -23.24
CA CYS D 150 3.64 18.66 -24.02
C CYS D 150 3.50 19.62 -25.20
N PHE D 151 4.62 20.21 -25.60
CA PHE D 151 4.60 21.16 -26.71
C PHE D 151 5.61 20.71 -27.74
N SER D 152 5.89 21.54 -28.74
CA SER D 152 6.85 21.19 -29.79
C SER D 152 8.28 21.21 -29.27
N GLN D 153 8.48 21.91 -28.15
CA GLN D 153 9.78 22.01 -27.49
C GLN D 153 9.58 21.67 -26.00
N PRO D 154 10.63 21.20 -25.31
CA PRO D 154 10.50 20.87 -23.89
C PRO D 154 9.90 22.06 -23.19
N ARG D 155 8.87 21.80 -22.39
CA ARG D 155 8.18 22.87 -21.68
C ARG D 155 8.48 23.00 -20.18
N HIS D 156 8.82 24.22 -19.76
CA HIS D 156 9.06 24.54 -18.36
C HIS D 156 7.73 25.16 -17.90
N ILE D 157 7.06 24.54 -16.93
CA ILE D 157 5.76 24.99 -16.44
C ILE D 157 5.69 25.92 -15.22
N SER D 158 6.44 25.58 -14.16
CA SER D 158 6.44 26.41 -12.96
C SER D 158 7.39 27.59 -13.20
N VAL D 159 6.92 28.50 -14.05
CA VAL D 159 7.69 29.67 -14.43
C VAL D 159 7.81 30.82 -13.45
N ALA D 160 6.69 31.19 -12.84
CA ALA D 160 6.63 32.30 -11.89
C ALA D 160 6.15 31.88 -10.48
N MET D 161 7.06 31.35 -9.68
CA MET D 161 6.73 30.87 -8.33
C MET D 161 6.69 31.97 -7.26
N ASP D 162 5.68 31.93 -6.40
CA ASP D 162 5.59 32.94 -5.37
C ASP D 162 6.90 33.01 -4.59
N LYS D 163 7.60 31.89 -4.55
CA LYS D 163 8.88 31.78 -3.85
C LYS D 163 9.93 32.71 -4.44
N PHE D 164 9.78 33.05 -5.72
CA PHE D 164 10.70 33.94 -6.41
C PHE D 164 10.02 35.24 -6.87
N GLY D 165 9.09 35.75 -6.06
CA GLY D 165 8.43 36.97 -6.44
C GLY D 165 7.84 36.92 -7.84
N PHE D 166 7.39 35.73 -8.25
CA PHE D 166 6.76 35.56 -9.54
C PHE D 166 7.58 35.88 -10.79
N SER D 167 8.85 35.49 -10.78
CA SER D 167 9.74 35.65 -11.94
C SER D 167 10.63 34.43 -11.84
N LEU D 168 11.21 34.07 -12.96
CA LEU D 168 12.12 32.96 -13.07
C LEU D 168 13.30 33.28 -12.12
N PRO D 169 13.82 32.29 -11.38
CA PRO D 169 14.94 32.72 -10.53
C PRO D 169 16.18 33.03 -11.37
N TYR D 170 16.22 32.47 -12.58
CA TYR D 170 17.28 32.66 -13.57
C TYR D 170 16.75 31.98 -14.83
N VAL D 171 17.13 32.53 -15.97
CA VAL D 171 16.65 32.08 -17.25
C VAL D 171 16.94 30.62 -17.59
N GLN D 172 18.05 30.07 -17.09
CA GLN D 172 18.39 28.67 -17.37
C GLN D 172 17.69 27.71 -16.40
N TYR D 173 16.70 28.20 -15.64
CA TYR D 173 16.02 27.37 -14.65
C TYR D 173 14.94 26.44 -15.21
N PHE D 174 15.10 25.16 -14.91
CA PHE D 174 14.17 24.13 -15.38
C PHE D 174 13.63 23.27 -14.21
N GLY D 175 13.74 23.78 -12.99
CA GLY D 175 13.25 23.04 -11.82
C GLY D 175 11.75 23.20 -11.58
N GLY D 176 11.22 22.48 -10.59
CA GLY D 176 9.81 22.56 -10.24
C GLY D 176 8.88 21.67 -11.05
N VAL D 177 8.29 22.23 -12.09
CA VAL D 177 7.39 21.48 -12.95
C VAL D 177 7.85 21.66 -14.40
N SER D 178 8.07 20.55 -15.11
CA SER D 178 8.47 20.61 -16.52
C SER D 178 7.74 19.52 -17.30
N ALA D 179 7.81 19.57 -18.62
CA ALA D 179 7.13 18.55 -19.43
C ALA D 179 7.84 18.29 -20.76
N LEU D 180 8.12 17.02 -21.01
CA LEU D 180 8.79 16.59 -22.22
C LEU D 180 7.97 15.48 -22.94
N SER D 181 7.95 15.54 -24.26
CA SER D 181 7.23 14.53 -25.04
C SER D 181 8.01 13.23 -24.82
N LYS D 182 7.45 12.10 -25.23
CA LYS D 182 8.16 10.84 -25.08
C LYS D 182 9.42 10.94 -25.91
N GLN D 183 9.27 11.52 -27.10
CA GLN D 183 10.37 11.70 -28.04
C GLN D 183 11.47 12.60 -27.45
N GLN D 184 11.08 13.76 -26.94
CA GLN D 184 12.03 14.72 -26.34
C GLN D 184 12.81 14.10 -25.19
N PHE D 185 12.10 13.36 -24.36
CA PHE D 185 12.70 12.70 -23.22
C PHE D 185 13.70 11.66 -23.68
N LEU D 186 13.33 10.88 -24.69
CA LEU D 186 14.18 9.82 -25.23
C LEU D 186 15.49 10.35 -25.85
N SER D 187 15.39 11.46 -26.58
CA SER D 187 16.55 12.05 -27.25
C SER D 187 17.67 12.57 -26.38
N ILE D 188 17.41 12.76 -25.09
CA ILE D 188 18.45 13.25 -24.19
C ILE D 188 18.80 12.14 -23.23
N ASN D 189 18.37 10.93 -23.59
CA ASN D 189 18.62 9.75 -22.78
C ASN D 189 18.00 9.93 -21.40
N GLY D 190 16.85 10.62 -21.35
CA GLY D 190 16.19 10.83 -20.08
C GLY D 190 16.96 11.74 -19.14
N PHE D 191 16.77 11.56 -17.84
CA PHE D 191 17.45 12.39 -16.87
C PHE D 191 18.60 11.67 -16.22
N PRO D 192 19.55 12.42 -15.63
CA PRO D 192 20.72 11.82 -14.98
C PRO D 192 20.33 11.05 -13.71
N ASN D 193 21.00 9.93 -13.46
CA ASN D 193 20.74 9.14 -12.26
C ASN D 193 21.76 9.42 -11.16
N ASN D 194 22.88 10.05 -11.52
CA ASN D 194 23.94 10.29 -10.55
C ASN D 194 23.91 11.55 -9.67
N TYR D 195 22.80 12.28 -9.64
CA TYR D 195 22.73 13.46 -8.79
C TYR D 195 22.01 13.12 -7.50
N TRP D 196 22.76 13.05 -6.40
CA TRP D 196 22.18 12.76 -5.10
C TRP D 196 22.25 13.98 -4.23
N GLY D 197 21.14 14.26 -3.55
CA GLY D 197 21.09 15.43 -2.71
C GLY D 197 20.48 16.54 -3.54
N TRP D 198 20.26 17.68 -2.92
CA TRP D 198 19.65 18.82 -3.59
C TRP D 198 20.50 19.54 -4.66
N GLY D 199 19.81 20.11 -5.63
CA GLY D 199 20.44 20.92 -6.65
C GLY D 199 21.26 20.31 -7.74
N GLY D 200 21.24 21.03 -8.87
CA GLY D 200 22.01 20.67 -10.04
C GLY D 200 21.39 19.74 -11.07
N GLU D 201 20.56 18.81 -10.65
CA GLU D 201 19.98 17.87 -11.61
C GLU D 201 19.15 18.56 -12.67
N ASP D 202 18.45 19.63 -12.27
CA ASP D 202 17.61 20.36 -13.19
C ASP D 202 18.44 21.19 -14.18
N ASP D 203 19.60 21.66 -13.72
CA ASP D 203 20.50 22.42 -14.59
C ASP D 203 21.09 21.43 -15.57
N ASP D 204 21.40 20.23 -15.09
CA ASP D 204 21.95 19.22 -15.97
C ASP D 204 20.94 18.91 -17.09
N ILE D 205 19.67 18.74 -16.71
CA ILE D 205 18.63 18.44 -17.68
C ILE D 205 18.54 19.57 -18.65
N TYR D 206 18.65 20.79 -18.14
CA TYR D 206 18.60 21.96 -19.02
C TYR D 206 19.73 21.81 -20.03
N ASN D 207 20.93 21.54 -19.54
CA ASN D 207 22.05 21.40 -20.45
C ASN D 207 21.72 20.34 -21.52
N ARG D 208 21.20 19.17 -21.09
CA ARG D 208 20.88 18.10 -22.03
C ARG D 208 20.01 18.55 -23.20
N LEU D 209 18.96 19.30 -22.91
CA LEU D 209 18.07 19.82 -23.95
C LEU D 209 18.83 20.62 -25.00
N ALA D 210 19.68 21.55 -24.55
CA ALA D 210 20.44 22.37 -25.49
C ALA D 210 21.39 21.51 -26.34
N PHE D 211 22.09 20.58 -25.71
CA PHE D 211 23.01 19.72 -26.45
C PHE D 211 22.32 18.86 -27.49
N ARG D 212 20.98 18.95 -27.55
CA ARG D 212 20.21 18.20 -28.53
C ARG D 212 19.39 19.15 -29.38
N GLY D 213 19.88 20.38 -29.50
CA GLY D 213 19.21 21.37 -30.32
C GLY D 213 17.80 21.77 -29.95
N MET D 214 17.41 21.49 -28.70
CA MET D 214 16.09 21.87 -28.25
C MET D 214 16.15 23.12 -27.42
N SER D 215 15.14 23.95 -27.54
CA SER D 215 15.06 25.15 -26.74
C SER D 215 13.91 24.91 -25.77
N VAL D 216 13.75 25.80 -24.80
CA VAL D 216 12.71 25.63 -23.80
C VAL D 216 11.51 26.51 -24.07
N SER D 217 10.34 25.91 -24.04
CA SER D 217 9.08 26.60 -24.27
C SER D 217 8.50 26.92 -22.90
N ARG D 218 7.92 28.10 -22.74
CA ARG D 218 7.33 28.50 -21.46
C ARG D 218 6.03 29.28 -21.64
N PRO D 219 5.17 29.25 -20.62
CA PRO D 219 3.92 30.01 -20.71
C PRO D 219 4.36 31.42 -20.31
N ASN D 220 3.54 32.45 -20.47
CA ASN D 220 4.05 33.75 -20.06
C ASN D 220 4.11 33.80 -18.55
N ALA D 221 4.94 34.70 -18.05
CA ALA D 221 5.17 34.84 -16.62
C ALA D 221 3.93 35.07 -15.78
N VAL D 222 2.83 35.52 -16.38
CA VAL D 222 1.62 35.73 -15.60
C VAL D 222 0.73 34.49 -15.59
N ILE D 223 0.51 33.86 -16.74
CA ILE D 223 -0.32 32.66 -16.68
C ILE D 223 0.47 31.49 -16.08
N GLY D 224 1.79 31.67 -15.98
CA GLY D 224 2.64 30.65 -15.41
C GLY D 224 2.93 30.85 -13.93
N LYS D 225 2.12 31.66 -13.23
CA LYS D 225 2.35 31.86 -11.80
C LYS D 225 2.03 30.58 -11.00
N CYS D 226 2.88 30.29 -10.01
CA CYS D 226 2.72 29.11 -9.17
C CYS D 226 3.02 29.37 -7.71
N ARG D 227 2.45 28.55 -6.83
CA ARG D 227 2.71 28.66 -5.41
C ARG D 227 3.43 27.39 -5.01
N MET D 228 4.36 27.52 -4.06
CA MET D 228 5.07 26.37 -3.54
C MET D 228 4.70 26.35 -2.09
N ILE D 229 4.15 25.25 -1.62
CA ILE D 229 3.82 25.17 -0.21
C ILE D 229 5.16 25.46 0.47
N ARG D 230 5.18 26.35 1.45
CA ARG D 230 6.44 26.65 2.09
C ARG D 230 6.87 25.57 3.05
N HIS D 231 8.15 25.23 3.00
CA HIS D 231 8.72 24.18 3.82
C HIS D 231 10.21 24.42 3.95
N SER D 232 10.84 23.74 4.90
CA SER D 232 12.28 23.85 5.10
C SER D 232 12.96 22.68 4.33
N ARG D 233 14.29 22.67 4.28
CA ARG D 233 14.97 21.60 3.59
C ARG D 233 14.81 20.25 4.33
N ASP D 234 14.50 19.20 3.56
CA ASP D 234 14.30 17.83 4.06
C ASP D 234 15.61 17.18 4.47
N LYS D 235 15.63 16.47 5.60
CA LYS D 235 16.88 15.79 5.98
C LYS D 235 17.12 14.74 4.89
N LYS D 236 18.40 14.50 4.59
CA LYS D 236 18.82 13.56 3.56
C LYS D 236 18.67 14.12 2.13
N ASN D 237 18.49 15.44 2.03
CA ASN D 237 18.45 16.11 0.73
C ASN D 237 19.23 17.45 0.83
N GLU D 238 20.38 17.38 1.51
CA GLU D 238 21.25 18.54 1.70
C GLU D 238 21.89 18.89 0.37
N PRO D 239 22.22 20.17 0.16
CA PRO D 239 22.85 20.62 -1.09
C PRO D 239 23.97 19.67 -1.54
N ASN D 240 23.96 19.28 -2.82
CA ASN D 240 24.96 18.38 -3.36
C ASN D 240 26.28 19.13 -3.61
N PRO D 241 27.39 18.64 -3.02
CA PRO D 241 28.75 19.20 -3.13
C PRO D 241 29.32 19.19 -4.53
N GLN D 242 29.01 18.14 -5.28
CA GLN D 242 29.52 17.99 -6.63
C GLN D 242 28.65 18.60 -7.72
N ARG D 243 27.48 19.13 -7.38
CA ARG D 243 26.59 19.66 -8.42
C ARG D 243 27.18 20.56 -9.49
N PHE D 244 28.13 21.39 -9.09
CA PHE D 244 28.74 22.28 -10.03
C PHE D 244 29.70 21.59 -10.94
N ASP D 245 30.44 20.65 -10.41
CA ASP D 245 31.37 19.91 -11.24
C ASP D 245 30.62 19.05 -12.24
N ARG D 246 29.58 18.36 -11.78
CA ARG D 246 28.77 17.50 -12.64
C ARG D 246 28.01 18.26 -13.75
N ILE D 247 27.49 19.46 -13.46
CA ILE D 247 26.76 20.20 -14.50
C ILE D 247 27.67 20.67 -15.64
N ALA D 248 28.98 20.66 -15.40
CA ALA D 248 29.94 21.10 -16.40
C ALA D 248 30.30 20.00 -17.39
N HIS D 249 29.95 18.75 -17.09
CA HIS D 249 30.28 17.64 -18.01
C HIS D 249 29.09 16.92 -18.65
N THR D 250 27.93 17.55 -18.58
CA THR D 250 26.70 16.99 -19.12
C THR D 250 26.85 16.43 -20.52
N LYS D 251 27.39 17.25 -21.42
CA LYS D 251 27.61 16.85 -22.80
C LYS D 251 28.22 15.44 -22.84
N GLU D 252 29.15 15.18 -21.95
CA GLU D 252 29.80 13.87 -21.90
C GLU D 252 28.88 12.82 -21.29
N THR D 253 28.76 12.90 -19.96
CA THR D 253 27.98 11.99 -19.13
C THR D 253 26.53 11.70 -19.50
N MET D 254 25.86 12.61 -20.20
CA MET D 254 24.47 12.32 -20.58
C MET D 254 24.36 11.07 -21.49
N LEU D 255 25.48 10.67 -22.08
CA LEU D 255 25.50 9.47 -22.94
C LEU D 255 25.71 8.21 -22.09
N SER D 256 26.36 8.34 -20.95
CA SER D 256 26.59 7.17 -20.10
C SER D 256 25.70 7.15 -18.85
N ASP D 257 24.94 8.22 -18.66
CA ASP D 257 24.07 8.30 -17.49
C ASP D 257 22.66 8.77 -17.86
N GLY D 258 21.70 7.86 -17.72
CA GLY D 258 20.34 8.21 -18.07
C GLY D 258 19.46 6.98 -18.12
N LEU D 259 18.49 6.98 -19.04
CA LEU D 259 17.58 5.84 -19.18
C LEU D 259 18.37 4.56 -19.37
N ASN D 260 19.34 4.60 -20.29
CA ASN D 260 20.16 3.44 -20.58
C ASN D 260 20.88 2.83 -19.37
N SER D 261 21.15 3.61 -18.33
CA SER D 261 21.84 3.02 -17.18
C SER D 261 20.98 2.92 -15.91
N LEU D 262 19.68 3.15 -16.08
CA LEU D 262 18.74 3.09 -14.98
C LEU D 262 18.50 1.70 -14.42
N THR D 263 18.77 1.53 -13.13
CA THR D 263 18.57 0.25 -12.46
C THR D 263 17.83 0.55 -11.16
N TYR D 264 16.91 -0.32 -10.78
CA TYR D 264 16.14 -0.13 -9.55
C TYR D 264 15.17 -1.29 -9.35
N MET D 265 14.67 -1.40 -8.12
CA MET D 265 13.73 -2.44 -7.78
C MET D 265 12.42 -1.89 -7.23
N VAL D 266 11.32 -2.44 -7.74
CA VAL D 266 10.01 -2.07 -7.29
C VAL D 266 9.68 -2.93 -6.08
N LEU D 267 9.49 -2.30 -4.92
CA LEU D 267 9.18 -3.02 -3.70
C LEU D 267 7.67 -3.09 -3.48
N GLU D 268 6.94 -2.17 -4.12
CA GLU D 268 5.49 -2.12 -3.96
C GLU D 268 4.83 -1.17 -4.95
N VAL D 269 3.63 -1.55 -5.36
CA VAL D 269 2.84 -0.74 -6.26
C VAL D 269 1.53 -0.62 -5.54
N GLN D 270 1.10 0.60 -5.26
CA GLN D 270 -0.14 0.86 -4.58
C GLN D 270 -1.01 1.67 -5.49
N ARG D 271 -2.28 1.27 -5.56
CA ARG D 271 -3.23 1.98 -6.37
C ARG D 271 -4.22 2.55 -5.37
N TYR D 272 -4.39 3.87 -5.36
CA TYR D 272 -5.37 4.49 -4.47
C TYR D 272 -6.36 5.07 -5.43
N PRO D 273 -7.54 5.48 -4.95
CA PRO D 273 -8.40 6.02 -6.00
C PRO D 273 -7.91 7.30 -6.70
N LEU D 274 -7.05 8.06 -6.01
CA LEU D 274 -6.58 9.31 -6.57
C LEU D 274 -5.19 9.29 -7.20
N TYR D 275 -4.45 8.22 -6.99
CA TYR D 275 -3.10 8.16 -7.55
C TYR D 275 -2.45 6.80 -7.38
N THR D 276 -1.39 6.58 -8.13
CA THR D 276 -0.64 5.35 -8.02
C THR D 276 0.66 5.73 -7.33
N LYS D 277 1.03 4.98 -6.30
CA LYS D 277 2.25 5.21 -5.54
C LYS D 277 3.18 4.00 -5.69
N ILE D 278 4.31 4.21 -6.35
CA ILE D 278 5.24 3.11 -6.54
C ILE D 278 6.44 3.29 -5.63
N THR D 279 6.68 2.32 -4.77
CA THR D 279 7.82 2.42 -3.87
C THR D 279 9.01 1.67 -4.47
N VAL D 280 10.12 2.39 -4.65
CA VAL D 280 11.31 1.79 -5.24
C VAL D 280 12.59 1.97 -4.46
N ASP D 281 13.50 1.00 -4.62
CA ASP D 281 14.80 1.04 -3.97
C ASP D 281 15.75 1.44 -5.10
N ILE D 282 16.17 2.71 -5.10
CA ILE D 282 17.05 3.20 -6.16
C ILE D 282 18.53 3.18 -5.78
N GLY D 283 18.84 2.50 -4.69
CA GLY D 283 20.24 2.43 -4.31
C GLY D 283 20.82 3.61 -3.58
N THR D 284 22.14 3.70 -3.61
CA THR D 284 22.86 4.75 -2.90
C THR D 284 23.87 5.48 -3.80
N PRO D 285 24.51 6.54 -3.27
CA PRO D 285 25.49 7.31 -4.03
C PRO D 285 26.83 6.60 -3.93
N SER D 286 27.79 7.02 -4.73
CA SER D 286 29.13 6.45 -4.72
C SER D 286 29.97 6.95 -5.91
#